data_4RKR
#
_entry.id   4RKR
#
_cell.length_a   36.936
_cell.length_b   124.912
_cell.length_c   117.043
_cell.angle_alpha   90.00
_cell.angle_beta   96.51
_cell.angle_gamma   90.00
#
_symmetry.space_group_name_H-M   'P 1 21 1'
#
loop_
_entity.id
_entity.type
_entity.pdbx_description
1 polymer 'Transcriptional regulator, LacI family'
2 branched beta-D-galactopyranose-(1-4)-alpha-D-glucopyranose
3 water water
#
_entity_poly.entity_id   1
_entity_poly.type   'polypeptide(L)'
_entity_poly.pdbx_seq_one_letter_code
;MSLSRFAKGLVQGARTSVGLAIPDLTNPYFPAFASSVVELATLRGWHVVVDDYGHGGRSGLDAVEHLAPQVDAVIGYLGG
YADQAQTVLGRRPLIVLDENPGGAAGSINFDYQHAAKVAVAQLMDSKRQHIAYLEAGSASESDEPVPCTVRGKAVAGRLD
ELGASWSLIVAEETAEAAREAAAAFLREHPETDGILAFNDLMAAGVLKALSGSGRRVPEDCAVIGMDGIPLGELLSPQLS
TMALDLREVGRAAVELLVGLLSGAVTPGSQSSRTTLKHRLVLRESTEGHHHHHH
;
_entity_poly.pdbx_strand_id   A,B,C,D
#
loop_
_chem_comp.id
_chem_comp.type
_chem_comp.name
_chem_comp.formula
GAL D-saccharide, beta linking beta-D-galactopyranose 'C6 H12 O6'
GLC D-saccharide, alpha linking alpha-D-glucopyranose 'C6 H12 O6'
#
# COMPACT_ATOMS: atom_id res chain seq x y z
N ALA A 7 10.31 17.98 22.77
CA ALA A 7 10.30 18.16 21.29
C ALA A 7 11.51 17.46 20.68
N LYS A 8 12.69 18.00 20.98
CA LYS A 8 13.96 17.47 20.45
C LYS A 8 14.39 16.13 21.06
N GLY A 9 13.82 15.78 22.22
CA GLY A 9 14.13 14.49 22.86
C GLY A 9 13.57 13.28 22.13
N LEU A 10 12.55 13.49 21.31
CA LEU A 10 11.79 12.39 20.70
C LEU A 10 12.59 11.50 19.76
N VAL A 11 12.04 10.32 19.49
CA VAL A 11 12.40 9.51 18.33
C VAL A 11 11.93 10.23 17.07
N GLN A 12 12.80 10.29 16.06
CA GLN A 12 12.51 11.03 14.84
C GLN A 12 12.58 10.15 13.60
N GLY A 13 11.92 10.61 12.54
CA GLY A 13 11.69 9.81 11.35
C GLY A 13 10.54 8.84 11.59
N ALA A 14 9.49 8.93 10.76
CA ALA A 14 8.46 7.91 10.75
C ALA A 14 9.09 6.69 10.06
N ARG A 15 9.01 5.53 10.71
CA ARG A 15 9.85 4.41 10.33
C ARG A 15 9.21 3.45 9.33
N THR A 16 10.04 2.87 8.49
CA THR A 16 9.61 1.80 7.60
C THR A 16 9.17 0.61 8.44
N SER A 17 8.13 -0.07 7.99
CA SER A 17 7.54 -1.19 8.69
C SER A 17 7.50 -2.40 7.79
N VAL A 18 8.13 -3.49 8.24
CA VAL A 18 8.20 -4.74 7.50
C VAL A 18 7.46 -5.91 8.20
N GLY A 19 6.69 -6.64 7.41
CA GLY A 19 6.02 -7.85 7.88
C GLY A 19 6.80 -9.09 7.51
N LEU A 20 6.87 -10.01 8.47
CA LEU A 20 7.56 -11.25 8.27
C LEU A 20 6.53 -12.35 8.44
N ALA A 21 6.20 -13.03 7.35
CA ALA A 21 5.30 -14.17 7.40
C ALA A 21 6.09 -15.48 7.46
N ILE A 22 5.89 -16.29 8.51
CA ILE A 22 6.46 -17.65 8.53
C ILE A 22 5.37 -18.68 8.82
N PRO A 23 5.49 -19.86 8.20
CA PRO A 23 4.44 -20.88 8.28
C PRO A 23 4.30 -21.61 9.63
N ASP A 24 5.36 -21.59 10.46
CA ASP A 24 5.33 -22.16 11.80
C ASP A 24 6.54 -21.68 12.60
N LEU A 25 6.50 -21.87 13.91
CA LEU A 25 7.62 -21.55 14.78
C LEU A 25 8.17 -22.81 15.43
N THR A 26 7.68 -23.96 14.98
CA THR A 26 8.00 -25.28 15.53
C THR A 26 9.16 -25.96 14.81
N ASN A 27 9.34 -25.71 13.50
CA ASN A 27 10.54 -26.16 12.78
C ASN A 27 11.65 -25.14 13.06
N PRO A 28 12.68 -25.51 13.85
CA PRO A 28 13.71 -24.55 14.31
C PRO A 28 14.32 -23.67 13.23
N TYR A 29 14.23 -24.09 11.97
CA TYR A 29 14.69 -23.24 10.87
C TYR A 29 14.04 -21.86 10.91
N PHE A 30 12.73 -21.80 11.12
CA PHE A 30 12.05 -20.51 10.96
C PHE A 30 12.35 -19.50 12.06
N PRO A 31 12.41 -19.95 13.32
CA PRO A 31 12.82 -18.96 14.31
C PRO A 31 14.21 -18.39 14.00
N ALA A 32 15.11 -19.25 13.55
CA ALA A 32 16.47 -18.80 13.18
C ALA A 32 16.43 -17.82 12.03
N PHE A 33 15.61 -18.14 11.03
CA PHE A 33 15.41 -17.26 9.88
C PHE A 33 14.84 -15.93 10.31
N ALA A 34 13.78 -15.98 11.09
CA ALA A 34 13.09 -14.79 11.57
C ALA A 34 14.01 -13.90 12.35
N SER A 35 14.70 -14.48 13.32
CA SER A 35 15.63 -13.72 14.18
C SER A 35 16.63 -12.94 13.34
N SER A 36 17.13 -13.57 12.30
CA SER A 36 18.17 -13.00 11.49
C SER A 36 17.63 -11.78 10.78
N VAL A 37 16.47 -11.95 10.17
CA VAL A 37 15.79 -10.87 9.48
C VAL A 37 15.42 -9.75 10.44
N VAL A 38 14.95 -10.09 11.64
CA VAL A 38 14.59 -9.02 12.59
C VAL A 38 15.84 -8.25 13.02
N GLU A 39 16.94 -8.96 13.26
CA GLU A 39 18.23 -8.33 13.56
C GLU A 39 18.60 -7.26 12.53
N LEU A 40 18.70 -7.66 11.28
CA LEU A 40 19.15 -6.75 10.24
C LEU A 40 18.18 -5.58 10.03
N ALA A 41 16.90 -5.88 10.04
CA ALA A 41 15.88 -4.85 9.83
C ALA A 41 15.89 -3.85 10.96
N THR A 42 16.00 -4.37 12.16
CA THR A 42 16.02 -3.55 13.34
C THR A 42 17.23 -2.63 13.32
N LEU A 43 18.37 -3.14 12.88
CA LEU A 43 19.58 -2.31 12.74
C LEU A 43 19.52 -1.26 11.65
N ARG A 44 18.51 -1.33 10.78
CA ARG A 44 18.21 -0.24 9.85
C ARG A 44 17.22 0.75 10.43
N GLY A 45 16.78 0.52 11.66
CA GLY A 45 15.78 1.37 12.29
C GLY A 45 14.36 1.06 11.85
N TRP A 46 14.14 -0.16 11.36
CA TRP A 46 12.81 -0.57 10.94
C TRP A 46 12.05 -1.27 12.05
N HIS A 47 10.73 -1.11 12.03
CA HIS A 47 9.85 -1.90 12.87
C HIS A 47 9.60 -3.18 12.12
N VAL A 48 9.63 -4.33 12.81
CA VAL A 48 9.21 -5.61 12.21
C VAL A 48 8.10 -6.25 13.04
N VAL A 49 7.11 -6.81 12.36
CA VAL A 49 6.12 -7.67 13.02
C VAL A 49 6.16 -9.05 12.37
N VAL A 50 6.12 -10.09 13.20
CA VAL A 50 6.09 -11.48 12.71
C VAL A 50 4.68 -12.06 12.83
N ASP A 51 4.21 -12.63 11.73
CA ASP A 51 2.96 -13.38 11.71
C ASP A 51 3.27 -14.84 11.42
N ASP A 52 3.16 -15.66 12.47
CA ASP A 52 3.26 -17.11 12.37
C ASP A 52 1.90 -17.61 11.99
N TYR A 53 1.75 -18.04 10.74
CA TYR A 53 0.43 -18.41 10.26
C TYR A 53 0.11 -19.91 10.30
N GLY A 54 0.94 -20.70 10.98
CA GLY A 54 0.73 -22.15 11.03
C GLY A 54 -0.37 -22.59 11.98
N HIS A 55 -1.53 -21.95 11.91
CA HIS A 55 -2.54 -22.10 12.95
C HIS A 55 -3.87 -21.75 12.34
N GLY A 56 -4.93 -22.37 12.84
CA GLY A 56 -6.28 -22.06 12.42
C GLY A 56 -6.53 -22.31 10.96
N GLY A 57 -5.71 -23.15 10.34
CA GLY A 57 -5.80 -23.39 8.90
C GLY A 57 -5.42 -22.20 8.04
N ARG A 58 -4.76 -21.20 8.62
CA ARG A 58 -4.46 -19.98 7.87
C ARG A 58 -3.37 -20.24 6.82
N SER A 59 -3.40 -19.46 5.74
CA SER A 59 -2.46 -19.57 4.63
C SER A 59 -1.51 -18.39 4.59
N GLY A 60 -0.46 -18.52 3.78
CA GLY A 60 0.46 -17.43 3.52
C GLY A 60 -0.24 -16.19 2.99
N LEU A 61 -1.33 -16.37 2.23
CA LEU A 61 -2.11 -15.25 1.72
C LEU A 61 -2.84 -14.53 2.85
N ASP A 62 -3.36 -15.28 3.81
CA ASP A 62 -4.01 -14.67 4.99
C ASP A 62 -3.03 -13.81 5.78
N ALA A 63 -1.80 -14.30 5.92
CA ALA A 63 -0.77 -13.58 6.66
C ALA A 63 -0.48 -12.24 5.99
N VAL A 64 -0.42 -12.23 4.67
CA VAL A 64 -0.19 -10.99 3.95
C VAL A 64 -1.39 -10.07 4.10
N GLU A 65 -2.60 -10.59 3.95
CA GLU A 65 -3.79 -9.78 4.20
C GLU A 65 -3.78 -9.14 5.57
N HIS A 66 -3.34 -9.89 6.58
CA HIS A 66 -3.30 -9.36 7.96
C HIS A 66 -2.24 -8.26 8.06
N LEU A 67 -1.10 -8.50 7.44
CA LEU A 67 0.06 -7.63 7.63
C LEU A 67 0.02 -6.35 6.81
N ALA A 68 -0.58 -6.43 5.62
CA ALA A 68 -0.51 -5.38 4.62
C ALA A 68 -0.81 -3.96 5.12
N PRO A 69 -1.96 -3.78 5.78
CA PRO A 69 -2.32 -2.40 6.18
C PRO A 69 -1.34 -1.79 7.19
N GLN A 70 -0.61 -2.61 7.93
CA GLN A 70 0.31 -2.10 8.96
C GLN A 70 1.77 -2.26 8.57
N VAL A 71 2.07 -2.57 7.30
CA VAL A 71 3.46 -2.65 6.82
C VAL A 71 3.62 -2.02 5.44
N ASP A 72 4.89 -1.79 5.06
CA ASP A 72 5.25 -1.20 3.77
C ASP A 72 5.78 -2.27 2.83
N ALA A 73 6.03 -3.46 3.39
CA ALA A 73 6.66 -4.54 2.67
C ALA A 73 6.53 -5.84 3.46
N VAL A 74 6.66 -6.96 2.76
CA VAL A 74 6.63 -8.26 3.38
C VAL A 74 7.76 -9.09 2.89
N ILE A 75 8.39 -9.76 3.84
CA ILE A 75 9.35 -10.82 3.54
C ILE A 75 8.76 -12.10 4.11
N GLY A 76 8.77 -13.17 3.34
CA GLY A 76 8.16 -14.38 3.87
C GLY A 76 8.24 -15.65 3.07
N TYR A 77 7.96 -16.72 3.79
CA TYR A 77 7.65 -18.01 3.21
C TYR A 77 6.13 -18.08 3.12
N LEU A 78 5.60 -18.17 1.90
CA LEU A 78 4.16 -17.97 1.68
C LEU A 78 3.37 -19.21 1.31
N GLY A 79 4.04 -20.37 1.30
CA GLY A 79 3.37 -21.63 1.02
C GLY A 79 2.67 -21.70 -0.33
N GLY A 80 3.23 -21.03 -1.32
CA GLY A 80 2.70 -21.09 -2.68
C GLY A 80 1.83 -19.93 -3.11
N TYR A 81 1.56 -18.96 -2.22
CA TYR A 81 0.69 -17.80 -2.55
C TYR A 81 1.43 -16.52 -3.00
N ALA A 82 2.68 -16.67 -3.39
CA ALA A 82 3.49 -15.53 -3.82
C ALA A 82 2.73 -14.56 -4.71
N ASP A 83 2.15 -15.10 -5.78
CA ASP A 83 1.49 -14.28 -6.80
C ASP A 83 0.29 -13.52 -6.22
N GLN A 84 -0.57 -14.23 -5.53
CA GLN A 84 -1.78 -13.63 -4.99
C GLN A 84 -1.48 -12.63 -3.91
N ALA A 85 -0.41 -12.88 -3.16
CA ALA A 85 -0.01 -11.98 -2.09
C ALA A 85 0.51 -10.64 -2.62
N GLN A 86 1.31 -10.68 -3.69
CA GLN A 86 1.78 -9.43 -4.32
C GLN A 86 0.59 -8.63 -4.87
N THR A 87 -0.41 -9.32 -5.37
CA THR A 87 -1.60 -8.65 -5.89
C THR A 87 -2.31 -7.89 -4.76
N VAL A 88 -2.45 -8.54 -3.62
CA VAL A 88 -3.00 -7.90 -2.43
C VAL A 88 -2.14 -6.67 -2.05
N LEU A 89 -0.83 -6.88 -2.00
CA LEU A 89 0.09 -5.82 -1.60
C LEU A 89 0.18 -4.64 -2.57
N GLY A 90 -0.28 -4.83 -3.81
CA GLY A 90 -0.16 -3.79 -4.82
C GLY A 90 1.30 -3.47 -5.07
N ARG A 91 1.68 -2.23 -4.85
CA ARG A 91 3.09 -1.81 -5.05
C ARG A 91 3.96 -1.94 -3.80
N ARG A 92 3.36 -2.36 -2.71
CA ARG A 92 4.12 -2.68 -1.53
C ARG A 92 4.88 -4.01 -1.83
N PRO A 93 6.22 -3.96 -1.83
CA PRO A 93 7.01 -5.10 -2.26
C PRO A 93 6.89 -6.34 -1.39
N LEU A 94 6.73 -7.46 -2.06
CA LEU A 94 6.82 -8.76 -1.46
C LEU A 94 8.13 -9.39 -1.91
N ILE A 95 8.87 -9.89 -0.93
CA ILE A 95 10.04 -10.71 -1.17
C ILE A 95 9.75 -12.08 -0.62
N VAL A 96 9.68 -13.07 -1.52
CA VAL A 96 9.36 -14.46 -1.16
C VAL A 96 10.61 -15.31 -1.16
N LEU A 97 10.63 -16.34 -0.32
CA LEU A 97 11.75 -17.30 -0.30
C LEU A 97 11.31 -18.68 -0.74
N ASP A 98 12.22 -19.33 -1.46
CA ASP A 98 12.13 -20.76 -1.71
C ASP A 98 10.84 -21.19 -2.39
N GLU A 99 10.30 -20.36 -3.29
CA GLU A 99 9.16 -20.76 -4.12
C GLU A 99 9.07 -19.94 -5.38
N ASN A 100 8.26 -20.41 -6.32
CA ASN A 100 8.01 -19.68 -7.55
C ASN A 100 7.41 -18.31 -7.22
N PRO A 101 8.16 -17.24 -7.48
CA PRO A 101 7.74 -15.93 -7.02
C PRO A 101 6.57 -15.35 -7.81
N GLY A 102 6.27 -15.91 -8.98
CA GLY A 102 5.24 -15.34 -9.83
C GLY A 102 5.52 -13.87 -9.96
N GLY A 103 4.50 -13.05 -9.77
CA GLY A 103 4.66 -11.61 -9.91
C GLY A 103 5.32 -10.92 -8.73
N ALA A 104 5.79 -11.66 -7.72
CA ALA A 104 6.36 -11.01 -6.54
C ALA A 104 7.48 -10.03 -6.92
N ALA A 105 7.53 -8.91 -6.19
CA ALA A 105 8.54 -7.88 -6.42
C ALA A 105 9.97 -8.40 -6.36
N GLY A 106 10.23 -9.31 -5.43
CA GLY A 106 11.54 -9.90 -5.28
C GLY A 106 11.45 -11.35 -4.85
N SER A 107 12.54 -12.08 -5.06
CA SER A 107 12.62 -13.49 -4.72
C SER A 107 14.02 -13.95 -4.38
N ILE A 108 14.11 -14.83 -3.39
CA ILE A 108 15.37 -15.49 -3.02
C ILE A 108 15.14 -16.99 -3.12
N ASN A 109 15.97 -17.68 -3.90
CA ASN A 109 15.88 -19.12 -3.97
C ASN A 109 17.25 -19.77 -3.81
N PHE A 110 17.26 -21.08 -3.68
CA PHE A 110 18.46 -21.81 -3.35
C PHE A 110 18.79 -22.81 -4.44
N ASP A 111 20.07 -23.06 -4.62
CA ASP A 111 20.53 -23.98 -5.65
C ASP A 111 20.52 -25.40 -5.08
N TYR A 112 19.42 -26.12 -5.25
CA TYR A 112 19.29 -27.46 -4.63
C TYR A 112 20.05 -28.56 -5.38
N GLN A 113 20.41 -28.30 -6.63
CA GLN A 113 21.27 -29.18 -7.40
C GLN A 113 22.71 -29.15 -6.91
N HIS A 114 23.23 -27.95 -6.69
CA HIS A 114 24.53 -27.83 -6.07
C HIS A 114 24.57 -28.51 -4.69
N ALA A 115 23.54 -28.29 -3.89
CA ALA A 115 23.46 -28.92 -2.57
C ALA A 115 23.41 -30.45 -2.71
N ALA A 116 22.62 -30.94 -3.66
CA ALA A 116 22.51 -32.39 -3.91
C ALA A 116 23.87 -32.98 -4.26
N LYS A 117 24.59 -32.31 -5.14
CA LYS A 117 25.87 -32.80 -5.62
C LYS A 117 26.85 -32.85 -4.48
N VAL A 118 26.87 -31.84 -3.62
CA VAL A 118 27.85 -31.82 -2.53
C VAL A 118 27.53 -32.85 -1.44
N ALA A 119 26.26 -33.00 -1.09
CA ALA A 119 25.89 -33.94 -0.04
C ALA A 119 26.19 -35.37 -0.49
N VAL A 120 25.85 -35.65 -1.75
CA VAL A 120 26.05 -36.97 -2.31
C VAL A 120 27.53 -37.29 -2.44
N ALA A 121 28.32 -36.33 -2.92
CA ALA A 121 29.77 -36.50 -3.02
C ALA A 121 30.35 -36.95 -1.68
N GLN A 122 29.84 -36.39 -0.59
CA GLN A 122 30.35 -36.70 0.73
C GLN A 122 30.19 -38.18 1.02
N LEU A 123 29.01 -38.70 0.73
CA LEU A 123 28.70 -40.12 0.96
C LEU A 123 29.46 -41.05 0.03
N MET A 124 29.54 -40.70 -1.25
CA MET A 124 30.32 -41.47 -2.22
C MET A 124 31.78 -41.55 -1.76
N ASP A 125 32.34 -40.43 -1.33
CA ASP A 125 33.73 -40.40 -0.87
C ASP A 125 33.97 -41.31 0.33
N SER A 126 32.98 -41.46 1.22
CA SER A 126 33.09 -42.42 2.31
C SER A 126 32.64 -43.80 1.86
N LYS A 127 32.53 -44.00 0.55
CA LYS A 127 32.10 -45.26 -0.06
C LYS A 127 30.91 -45.92 0.63
N ARG A 128 29.85 -45.15 0.83
CA ARG A 128 28.61 -45.73 1.32
C ARG A 128 27.98 -46.45 0.17
N GLN A 129 27.47 -47.65 0.45
CA GLN A 129 26.97 -48.55 -0.56
C GLN A 129 25.45 -48.61 -0.63
N HIS A 130 24.77 -48.31 0.48
CA HIS A 130 23.30 -48.40 0.53
C HIS A 130 22.69 -47.14 1.13
N ILE A 131 22.38 -46.19 0.25
CA ILE A 131 21.98 -44.85 0.63
C ILE A 131 20.47 -44.70 0.61
N ALA A 132 19.93 -44.05 1.64
CA ALA A 132 18.51 -43.69 1.65
C ALA A 132 18.35 -42.18 1.66
N TYR A 133 17.29 -41.68 1.01
CA TYR A 133 16.89 -40.27 1.15
C TYR A 133 15.54 -40.18 1.83
N LEU A 134 15.46 -39.31 2.84
CA LEU A 134 14.21 -39.07 3.57
C LEU A 134 13.56 -37.75 3.12
N GLU A 135 12.44 -37.89 2.42
CA GLU A 135 11.66 -36.81 1.84
C GLU A 135 10.61 -36.39 2.84
N ALA A 136 10.31 -35.10 2.88
CA ALA A 136 9.13 -34.61 3.65
C ALA A 136 7.89 -34.79 2.77
N GLY A 137 6.87 -35.43 3.31
CA GLY A 137 5.66 -35.68 2.51
C GLY A 137 4.68 -36.64 3.17
N SER A 138 3.80 -37.20 2.35
CA SER A 138 2.75 -38.09 2.83
C SER A 138 3.08 -39.56 2.55
N VAL A 146 8.21 -41.99 -4.84
CA VAL A 146 8.69 -41.02 -5.83
C VAL A 146 8.85 -39.62 -5.20
N PRO A 147 9.96 -38.91 -5.51
CA PRO A 147 10.24 -37.63 -4.80
C PRO A 147 9.33 -36.48 -5.24
N CYS A 148 8.69 -35.83 -4.27
CA CYS A 148 7.74 -34.76 -4.53
C CYS A 148 8.28 -33.33 -4.40
N THR A 149 9.29 -33.11 -3.54
CA THR A 149 9.86 -31.75 -3.35
C THR A 149 10.97 -31.42 -4.34
N VAL A 150 11.35 -30.16 -4.34
CA VAL A 150 12.35 -29.67 -5.28
C VAL A 150 13.70 -30.27 -4.97
N ARG A 151 14.14 -30.12 -3.72
CA ARG A 151 15.42 -30.70 -3.31
C ARG A 151 15.35 -32.23 -3.38
N GLY A 152 14.17 -32.78 -3.09
CA GLY A 152 13.92 -34.21 -3.21
C GLY A 152 14.20 -34.68 -4.61
N LYS A 153 13.64 -33.99 -5.61
CA LYS A 153 13.88 -34.37 -7.00
C LYS A 153 15.36 -34.21 -7.34
N ALA A 154 15.97 -33.14 -6.85
CA ALA A 154 17.38 -32.85 -7.15
C ALA A 154 18.31 -33.96 -6.68
N VAL A 155 18.00 -34.56 -5.53
CA VAL A 155 18.85 -35.57 -4.95
C VAL A 155 18.71 -36.89 -5.72
N ALA A 156 17.46 -37.28 -5.97
CA ALA A 156 17.17 -38.45 -6.80
C ALA A 156 17.90 -38.34 -8.13
N GLY A 157 17.62 -37.26 -8.85
CA GLY A 157 18.33 -36.99 -10.10
C GLY A 157 19.82 -37.28 -10.00
N ARG A 158 20.45 -36.77 -8.94
CA ARG A 158 21.89 -36.92 -8.77
C ARG A 158 22.34 -38.34 -8.50
N LEU A 159 21.54 -39.10 -7.76
CA LEU A 159 21.88 -40.46 -7.40
C LEU A 159 21.59 -41.39 -8.58
N ASP A 160 20.42 -41.25 -9.18
CA ASP A 160 20.12 -41.93 -10.45
C ASP A 160 21.31 -41.72 -11.41
N GLU A 161 21.67 -40.46 -11.62
CA GLU A 161 22.81 -40.09 -12.47
C GLU A 161 24.11 -40.82 -12.16
N LEU A 162 24.39 -41.05 -10.88
CA LEU A 162 25.63 -41.72 -10.48
C LEU A 162 25.54 -43.26 -10.49
N GLY A 163 24.38 -43.80 -10.83
CA GLY A 163 24.14 -45.24 -10.83
C GLY A 163 24.13 -45.86 -9.45
N ALA A 164 23.94 -45.06 -8.41
CA ALA A 164 23.90 -45.58 -7.05
C ALA A 164 22.59 -46.31 -6.81
N SER A 165 22.65 -47.33 -5.97
CA SER A 165 21.48 -48.12 -5.59
C SER A 165 20.99 -47.56 -4.28
N TRP A 166 19.91 -46.77 -4.37
CA TRP A 166 19.40 -45.97 -3.25
C TRP A 166 17.93 -46.22 -3.03
N SER A 167 17.47 -45.89 -1.83
CA SER A 167 16.04 -46.00 -1.50
C SER A 167 15.43 -44.66 -1.09
N LEU A 168 14.12 -44.54 -1.26
CA LEU A 168 13.39 -43.34 -0.86
C LEU A 168 12.57 -43.65 0.37
N ILE A 169 12.59 -42.74 1.33
CA ILE A 169 11.70 -42.79 2.49
C ILE A 169 10.96 -41.46 2.57
N VAL A 170 9.69 -41.53 2.96
CA VAL A 170 8.83 -40.36 3.02
C VAL A 170 8.21 -40.31 4.41
N ALA A 171 8.25 -39.13 5.01
CA ALA A 171 7.54 -38.89 6.25
C ALA A 171 7.12 -37.42 6.34
N GLU A 172 6.27 -37.15 7.33
CA GLU A 172 5.79 -35.83 7.62
C GLU A 172 6.95 -35.09 8.23
N GLU A 173 7.02 -33.78 8.03
CA GLU A 173 8.19 -33.01 8.39
C GLU A 173 8.23 -32.73 9.89
N THR A 174 8.43 -33.77 10.69
CA THR A 174 8.70 -33.62 12.11
C THR A 174 9.79 -34.60 12.50
N ALA A 175 10.40 -34.38 13.66
CA ALA A 175 11.45 -35.26 14.16
C ALA A 175 10.88 -36.64 14.43
N GLU A 176 9.76 -36.69 15.14
CA GLU A 176 9.12 -37.94 15.50
C GLU A 176 8.64 -38.70 14.27
N ALA A 177 8.01 -38.00 13.33
CA ALA A 177 7.53 -38.67 12.14
C ALA A 177 8.71 -39.27 11.41
N ALA A 178 9.79 -38.50 11.32
CA ALA A 178 10.98 -38.96 10.63
C ALA A 178 11.59 -40.16 11.39
N ARG A 179 11.62 -40.11 12.72
CA ARG A 179 12.17 -41.22 13.49
C ARG A 179 11.38 -42.47 13.21
N GLU A 180 10.06 -42.34 13.33
CA GLU A 180 9.12 -43.43 13.10
C GLU A 180 9.35 -44.08 11.73
N ALA A 181 9.59 -43.25 10.72
CA ALA A 181 9.73 -43.73 9.37
C ALA A 181 11.08 -44.37 9.13
N ALA A 182 12.13 -43.78 9.68
CA ALA A 182 13.48 -44.33 9.58
C ALA A 182 13.63 -45.73 10.21
N ALA A 183 13.09 -45.88 11.42
CA ALA A 183 13.13 -47.13 12.16
C ALA A 183 12.45 -48.26 11.38
N ALA A 184 11.30 -47.97 10.81
CA ALA A 184 10.59 -48.96 10.01
C ALA A 184 11.43 -49.39 8.81
N PHE A 185 12.10 -48.43 8.20
CA PHE A 185 12.89 -48.67 7.01
C PHE A 185 14.17 -49.46 7.32
N LEU A 186 14.83 -49.07 8.41
CA LEU A 186 16.04 -49.75 8.87
C LEU A 186 15.82 -51.24 9.22
N ARG A 187 14.60 -51.59 9.60
CA ARG A 187 14.24 -52.99 9.87
C ARG A 187 14.19 -53.80 8.60
N GLU A 188 13.45 -53.32 7.60
CA GLU A 188 13.43 -54.01 6.32
C GLU A 188 14.73 -53.80 5.54
N HIS A 189 15.52 -52.78 5.88
CA HIS A 189 16.78 -52.53 5.16
C HIS A 189 17.95 -52.28 6.11
N PRO A 190 18.39 -53.35 6.81
CA PRO A 190 19.49 -53.26 7.79
C PRO A 190 20.84 -52.86 7.20
N GLU A 191 21.01 -53.06 5.89
CA GLU A 191 22.26 -52.70 5.20
C GLU A 191 22.51 -51.20 5.15
N THR A 192 21.44 -50.40 5.26
CA THR A 192 21.51 -48.94 5.09
C THR A 192 22.71 -48.31 5.83
N ASP A 193 23.60 -47.68 5.06
CA ASP A 193 24.79 -47.07 5.65
C ASP A 193 24.96 -45.57 5.37
N GLY A 194 23.96 -44.95 4.73
CA GLY A 194 24.02 -43.51 4.46
C GLY A 194 22.63 -42.95 4.32
N ILE A 195 22.38 -41.82 5.00
CA ILE A 195 21.06 -41.21 4.95
C ILE A 195 21.14 -39.69 4.77
N LEU A 196 20.52 -39.22 3.69
CA LEU A 196 20.32 -37.80 3.47
C LEU A 196 18.91 -37.47 3.91
N ALA A 197 18.80 -36.43 4.72
CA ALA A 197 17.51 -36.05 5.25
C ALA A 197 17.07 -34.76 4.59
N PHE A 198 15.77 -34.62 4.38
CA PHE A 198 15.17 -33.41 3.83
C PHE A 198 15.70 -32.16 4.54
N ASN A 199 15.70 -32.19 5.87
CA ASN A 199 16.28 -31.08 6.62
C ASN A 199 16.79 -31.53 8.00
N ASP A 200 17.37 -30.59 8.75
CA ASP A 200 18.03 -30.92 10.02
C ASP A 200 17.03 -31.42 11.06
N LEU A 201 15.82 -30.86 11.06
CA LEU A 201 14.79 -31.35 11.99
C LEU A 201 14.51 -32.83 11.79
N MET A 202 14.23 -33.24 10.56
CA MET A 202 13.95 -34.64 10.24
C MET A 202 15.21 -35.50 10.53
N ALA A 203 16.37 -34.97 10.21
CA ALA A 203 17.64 -35.66 10.52
C ALA A 203 17.73 -36.03 12.00
N ALA A 204 17.29 -35.14 12.88
CA ALA A 204 17.34 -35.40 14.32
C ALA A 204 16.48 -36.62 14.68
N GLY A 205 15.39 -36.81 13.97
CA GLY A 205 14.60 -38.04 14.13
C GLY A 205 15.37 -39.28 13.70
N VAL A 206 16.13 -39.15 12.61
CA VAL A 206 16.90 -40.23 12.03
C VAL A 206 18.02 -40.66 12.96
N LEU A 207 18.78 -39.71 13.47
CA LEU A 207 19.78 -40.05 14.49
C LEU A 207 19.15 -40.90 15.59
N LYS A 208 17.97 -40.51 16.08
CA LYS A 208 17.27 -41.27 17.13
C LYS A 208 16.98 -42.70 16.73
N ALA A 209 16.52 -42.88 15.50
CA ALA A 209 16.16 -44.19 15.00
C ALA A 209 17.41 -45.08 14.88
N LEU A 210 18.52 -44.49 14.46
CA LEU A 210 19.74 -45.22 14.29
C LEU A 210 20.27 -45.66 15.65
N SER A 211 20.34 -44.71 16.58
CA SER A 211 20.65 -44.98 17.99
C SER A 211 19.77 -46.09 18.55
N GLY A 212 18.46 -45.95 18.39
CA GLY A 212 17.50 -46.91 18.93
C GLY A 212 17.58 -48.29 18.31
N SER A 213 18.31 -48.38 17.20
CA SER A 213 18.55 -49.62 16.49
C SER A 213 19.99 -50.08 16.68
N GLY A 214 20.66 -49.58 17.71
CA GLY A 214 22.03 -49.96 17.95
C GLY A 214 23.01 -49.73 16.81
N ARG A 215 22.65 -48.88 15.85
CA ARG A 215 23.58 -48.56 14.75
C ARG A 215 24.38 -47.31 15.08
N ARG A 216 25.71 -47.44 15.04
CA ARG A 216 26.60 -46.34 15.36
C ARG A 216 26.62 -45.32 14.24
N VAL A 217 26.77 -44.05 14.60
CA VAL A 217 26.86 -42.96 13.64
C VAL A 217 28.11 -42.16 13.95
N PRO A 218 28.99 -41.93 12.99
CA PRO A 218 28.87 -42.33 11.58
C PRO A 218 29.23 -43.79 11.21
N GLU A 219 29.96 -44.47 12.10
CA GLU A 219 30.70 -45.69 11.72
C GLU A 219 29.87 -46.71 10.94
N ASP A 220 28.69 -47.03 11.46
CA ASP A 220 27.77 -47.95 10.77
C ASP A 220 26.83 -47.25 9.80
N CYS A 221 26.48 -46.00 10.08
CA CYS A 221 25.64 -45.22 9.17
C CYS A 221 25.89 -43.71 9.26
N ALA A 222 26.08 -43.09 8.10
CA ALA A 222 26.33 -41.66 8.02
C ALA A 222 25.01 -40.91 7.87
N VAL A 223 24.94 -39.70 8.42
CA VAL A 223 23.74 -38.88 8.31
C VAL A 223 24.10 -37.45 7.92
N ILE A 224 23.42 -36.93 6.90
CA ILE A 224 23.55 -35.54 6.50
C ILE A 224 22.19 -34.86 6.38
N GLY A 225 22.07 -33.69 6.98
CA GLY A 225 20.84 -32.93 6.91
C GLY A 225 20.93 -31.74 5.99
N MET A 226 19.98 -30.83 6.17
CA MET A 226 19.97 -29.58 5.46
C MET A 226 19.43 -28.47 6.37
N ASP A 227 19.96 -27.26 6.16
CA ASP A 227 19.61 -25.99 6.82
C ASP A 227 20.66 -25.37 7.74
N GLY A 228 21.48 -26.17 8.40
CA GLY A 228 22.35 -25.65 9.42
C GLY A 228 21.76 -24.92 10.62
N ILE A 229 20.66 -25.42 11.17
CA ILE A 229 20.13 -24.86 12.42
C ILE A 229 21.07 -25.10 13.61
N PRO A 230 21.14 -24.15 14.55
CA PRO A 230 22.08 -24.27 15.69
C PRO A 230 21.97 -25.60 16.45
N LEU A 231 20.76 -26.14 16.51
CA LEU A 231 20.51 -27.49 17.03
C LEU A 231 21.54 -28.57 16.60
N GLY A 232 21.97 -28.55 15.34
CA GLY A 232 22.94 -29.53 14.84
C GLY A 232 24.16 -29.64 15.74
N GLU A 233 24.60 -28.50 16.28
CA GLU A 233 25.78 -28.46 17.14
C GLU A 233 25.54 -29.02 18.54
N LEU A 234 24.27 -29.22 18.90
CA LEU A 234 23.89 -29.72 20.21
C LEU A 234 23.49 -31.19 20.19
N LEU A 235 23.19 -31.74 19.02
CA LEU A 235 22.86 -33.16 18.92
C LEU A 235 24.12 -33.97 19.18
N SER A 236 23.95 -35.24 19.54
CA SER A 236 25.06 -36.18 19.70
C SER A 236 24.73 -37.44 18.92
N PRO A 237 25.47 -37.76 17.86
CA PRO A 237 26.58 -36.95 17.35
C PRO A 237 26.12 -35.63 16.74
N GLN A 238 27.01 -34.65 16.72
CA GLN A 238 26.76 -33.38 16.05
C GLN A 238 26.48 -33.67 14.57
N LEU A 239 25.56 -32.91 14.00
CA LEU A 239 24.97 -33.24 12.72
C LEU A 239 25.67 -32.51 11.57
N SER A 240 26.25 -33.26 10.65
CA SER A 240 26.75 -32.74 9.38
C SER A 240 25.56 -32.35 8.53
N THR A 241 25.67 -31.23 7.83
CA THR A 241 24.54 -30.69 7.12
C THR A 241 24.94 -29.82 5.94
N MET A 242 24.06 -29.74 4.94
CA MET A 242 24.18 -28.72 3.93
C MET A 242 23.60 -27.43 4.51
N ALA A 243 24.47 -26.51 4.92
CA ALA A 243 24.10 -25.37 5.75
C ALA A 243 23.89 -24.09 4.98
N LEU A 244 22.90 -23.31 5.39
CA LEU A 244 22.68 -21.96 4.92
C LEU A 244 23.20 -20.98 5.96
N ASP A 245 23.98 -20.00 5.52
CA ASP A 245 24.36 -18.90 6.41
C ASP A 245 23.15 -17.96 6.51
N LEU A 246 22.48 -17.99 7.66
CA LEU A 246 21.22 -17.27 7.85
C LEU A 246 21.46 -15.77 7.92
N ARG A 247 22.66 -15.38 8.35
CA ARG A 247 23.10 -14.00 8.17
C ARG A 247 22.98 -13.56 6.70
N GLU A 248 23.61 -14.33 5.81
CA GLU A 248 23.60 -14.07 4.36
C GLU A 248 22.20 -14.12 3.77
N VAL A 249 21.38 -15.07 4.22
CA VAL A 249 20.01 -15.16 3.72
C VAL A 249 19.20 -13.95 4.13
N GLY A 250 19.39 -13.51 5.38
CA GLY A 250 18.74 -12.30 5.89
C GLY A 250 19.25 -11.07 5.18
N ARG A 251 20.57 -10.96 5.06
CA ARG A 251 21.20 -9.81 4.40
C ARG A 251 20.72 -9.67 2.95
N ALA A 252 20.67 -10.78 2.22
CA ALA A 252 20.16 -10.75 0.85
C ALA A 252 18.69 -10.27 0.80
N ALA A 253 17.88 -10.70 1.76
CA ALA A 253 16.46 -10.27 1.79
C ALA A 253 16.28 -8.79 2.11
N VAL A 254 17.00 -8.33 3.12
CA VAL A 254 16.86 -6.97 3.55
C VAL A 254 17.44 -6.04 2.50
N GLU A 255 18.63 -6.37 2.00
CA GLU A 255 19.28 -5.56 0.96
C GLU A 255 18.43 -5.49 -0.28
N LEU A 256 17.79 -6.60 -0.64
CA LEU A 256 16.94 -6.60 -1.81
C LEU A 256 15.75 -5.65 -1.61
N LEU A 257 15.20 -5.68 -0.41
CA LEU A 257 14.11 -4.80 -0.07
C LEU A 257 14.56 -3.34 -0.13
N VAL A 258 15.78 -3.08 0.31
CA VAL A 258 16.28 -1.71 0.26
C VAL A 258 16.32 -1.23 -1.21
N GLY A 259 16.83 -2.09 -2.10
CA GLY A 259 16.89 -1.79 -3.51
C GLY A 259 15.52 -1.54 -4.11
N LEU A 260 14.53 -2.33 -3.68
CA LEU A 260 13.18 -2.20 -4.22
C LEU A 260 12.51 -0.94 -3.73
N LEU A 261 12.68 -0.64 -2.44
CA LEU A 261 12.06 0.54 -1.84
C LEU A 261 12.72 1.81 -2.34
N SER A 262 14.03 1.77 -2.55
CA SER A 262 14.74 2.94 -3.07
C SER A 262 14.44 3.19 -4.54
N GLY A 263 14.08 2.16 -5.28
CA GLY A 263 13.90 2.27 -6.73
C GLY A 263 15.14 1.85 -7.49
N ALA A 264 16.20 1.48 -6.76
CA ALA A 264 17.42 0.98 -7.36
C ALA A 264 17.19 -0.37 -8.02
N VAL A 265 16.21 -1.11 -7.54
CA VAL A 265 15.88 -2.40 -8.13
C VAL A 265 14.44 -2.36 -8.64
N THR A 266 14.27 -2.79 -9.88
CA THR A 266 12.98 -2.82 -10.50
C THR A 266 12.30 -4.10 -10.03
N PRO A 267 11.04 -3.98 -9.57
CA PRO A 267 10.27 -5.18 -9.20
C PRO A 267 10.05 -6.09 -10.39
N GLY A 268 10.31 -7.38 -10.18
CA GLY A 268 10.11 -8.39 -11.20
C GLY A 268 11.30 -8.61 -12.11
N SER A 269 12.26 -7.68 -12.09
CA SER A 269 13.42 -7.81 -12.93
C SER A 269 14.28 -8.98 -12.52
N GLN A 270 15.18 -9.36 -13.41
CA GLN A 270 16.10 -10.44 -13.13
C GLN A 270 16.91 -10.15 -11.89
N SER A 271 17.29 -8.88 -11.72
CA SER A 271 18.07 -8.45 -10.58
C SER A 271 17.31 -8.55 -9.26
N SER A 272 15.98 -8.72 -9.32
CA SER A 272 15.18 -8.91 -8.11
C SER A 272 15.05 -10.36 -7.70
N ARG A 273 15.66 -11.26 -8.45
CA ARG A 273 15.70 -12.69 -8.12
C ARG A 273 17.14 -13.08 -7.82
N THR A 274 17.38 -13.50 -6.59
CA THR A 274 18.72 -13.88 -6.16
C THR A 274 18.72 -15.35 -5.79
N THR A 275 19.80 -16.02 -6.17
CA THR A 275 19.98 -17.41 -5.82
C THR A 275 21.13 -17.54 -4.85
N LEU A 276 20.88 -18.24 -3.75
CA LEU A 276 21.91 -18.53 -2.76
C LEU A 276 22.25 -20.01 -2.74
N LYS A 277 23.39 -20.33 -2.13
CA LYS A 277 23.92 -21.67 -2.11
C LYS A 277 24.21 -22.12 -0.70
N HIS A 278 23.98 -23.41 -0.45
CA HIS A 278 24.31 -24.03 0.82
C HIS A 278 25.80 -24.33 0.83
N ARG A 279 26.39 -24.38 2.03
CA ARG A 279 27.75 -24.80 2.22
C ARG A 279 27.76 -26.03 3.11
N LEU A 280 28.58 -27.03 2.75
CA LEU A 280 28.66 -28.26 3.53
C LEU A 280 29.47 -28.01 4.79
N VAL A 281 28.89 -28.38 5.92
CA VAL A 281 29.54 -28.22 7.22
C VAL A 281 29.67 -29.60 7.81
N LEU A 282 30.90 -30.05 7.98
CA LEU A 282 31.17 -31.41 8.43
C LEU A 282 31.32 -31.47 9.93
N ARG A 283 30.47 -32.26 10.54
CA ARG A 283 30.50 -32.43 11.98
C ARG A 283 30.73 -33.91 12.27
N GLU A 284 30.23 -34.38 13.40
CA GLU A 284 30.36 -35.77 13.81
C GLU A 284 29.65 -36.87 13.01
N SER A 285 28.55 -36.55 12.35
CA SER A 285 27.61 -37.52 11.79
C SER A 285 28.11 -38.14 10.46
N THR A 286 29.30 -37.73 10.02
CA THR A 286 29.94 -38.27 8.82
C THR A 286 31.41 -38.68 9.01
N GLU A 287 31.86 -39.66 8.21
CA GLU A 287 33.27 -40.10 8.17
C GLU A 287 34.07 -39.29 7.15
N ALA B 14 -13.63 -5.39 12.09
CA ALA B 14 -12.24 -5.57 12.60
C ALA B 14 -12.20 -6.54 13.78
N ARG B 15 -11.32 -7.53 13.70
CA ARG B 15 -11.22 -8.56 14.72
C ARG B 15 -10.14 -8.19 15.73
N THR B 16 -10.25 -8.76 16.93
CA THR B 16 -9.34 -8.47 18.03
C THR B 16 -7.90 -8.83 17.67
N SER B 17 -7.00 -7.87 17.89
CA SER B 17 -5.60 -7.99 17.56
C SER B 17 -4.83 -8.01 18.89
N VAL B 18 -3.87 -8.93 18.99
CA VAL B 18 -3.10 -9.07 20.21
C VAL B 18 -1.63 -9.03 19.90
N GLY B 19 -0.90 -8.19 20.63
CA GLY B 19 0.55 -8.07 20.49
C GLY B 19 1.25 -9.10 21.36
N LEU B 20 2.29 -9.73 20.82
CA LEU B 20 3.04 -10.73 21.57
C LEU B 20 4.50 -10.30 21.57
N ALA B 21 5.02 -9.98 22.75
CA ALA B 21 6.36 -9.43 22.88
C ALA B 21 7.28 -10.45 23.55
N ILE B 22 8.37 -10.80 22.87
CA ILE B 22 9.32 -11.78 23.38
C ILE B 22 10.75 -11.29 23.19
N PRO B 23 11.63 -11.59 24.15
CA PRO B 23 12.95 -11.00 24.19
C PRO B 23 13.91 -11.57 23.15
N ASP B 24 13.64 -12.77 22.66
CA ASP B 24 14.38 -13.33 21.53
C ASP B 24 13.65 -14.53 20.90
N LEU B 25 14.17 -14.99 19.76
CA LEU B 25 13.71 -16.20 19.13
C LEU B 25 14.79 -17.28 19.17
N THR B 26 15.96 -16.93 19.69
CA THR B 26 17.12 -17.83 19.68
C THR B 26 17.05 -18.87 20.78
N ASN B 27 16.55 -18.48 21.95
CA ASN B 27 16.23 -19.44 23.01
C ASN B 27 14.95 -20.14 22.59
N PRO B 28 15.00 -21.47 22.36
CA PRO B 28 13.85 -22.22 21.84
C PRO B 28 12.61 -22.22 22.72
N TYR B 29 12.74 -21.86 24.00
CA TYR B 29 11.55 -21.68 24.83
C TYR B 29 10.55 -20.70 24.16
N PHE B 30 11.07 -19.57 23.68
CA PHE B 30 10.20 -18.47 23.24
C PHE B 30 9.38 -18.77 21.99
N PRO B 31 9.99 -19.40 20.95
CA PRO B 31 9.16 -19.81 19.83
C PRO B 31 8.09 -20.84 20.22
N ALA B 32 8.37 -21.69 21.19
CA ALA B 32 7.37 -22.65 21.64
C ALA B 32 6.28 -21.92 22.41
N PHE B 33 6.67 -21.01 23.28
CA PHE B 33 5.71 -20.17 23.96
C PHE B 33 4.84 -19.40 22.97
N ALA B 34 5.48 -18.76 22.01
CA ALA B 34 4.75 -17.98 21.03
C ALA B 34 3.76 -18.85 20.28
N SER B 35 4.22 -20.01 19.83
CA SER B 35 3.43 -20.85 18.97
C SER B 35 2.16 -21.26 19.68
N SER B 36 2.31 -21.56 20.96
CA SER B 36 1.16 -21.93 21.80
C SER B 36 0.16 -20.78 21.92
N VAL B 37 0.64 -19.60 22.31
CA VAL B 37 -0.24 -18.44 22.41
C VAL B 37 -0.91 -18.17 21.06
N VAL B 38 -0.12 -18.19 19.98
CA VAL B 38 -0.68 -17.86 18.70
C VAL B 38 -1.74 -18.90 18.31
N GLU B 39 -1.46 -20.17 18.59
CA GLU B 39 -2.40 -21.24 18.29
C GLU B 39 -3.78 -20.93 18.89
N LEU B 40 -3.81 -20.72 20.20
CA LEU B 40 -5.07 -20.51 20.91
C LEU B 40 -5.77 -19.19 20.57
N ALA B 41 -5.01 -18.13 20.40
CA ALA B 41 -5.58 -16.85 19.99
C ALA B 41 -6.19 -16.95 18.59
N THR B 42 -5.48 -17.63 17.70
CA THR B 42 -5.95 -17.80 16.34
C THR B 42 -7.29 -18.54 16.30
N LEU B 43 -7.42 -19.59 17.09
CA LEU B 43 -8.68 -20.32 17.16
C LEU B 43 -9.82 -19.50 17.77
N ARG B 44 -9.53 -18.45 18.53
CA ARG B 44 -10.59 -17.52 18.96
C ARG B 44 -11.01 -16.56 17.86
N GLY B 45 -10.34 -16.64 16.72
CA GLY B 45 -10.58 -15.72 15.61
C GLY B 45 -9.80 -14.44 15.74
N TRP B 46 -8.81 -14.40 16.63
CA TRP B 46 -8.02 -13.19 16.82
C TRP B 46 -6.79 -13.15 15.93
N HIS B 47 -6.25 -11.96 15.77
CA HIS B 47 -4.97 -11.78 15.08
C HIS B 47 -3.92 -11.58 16.13
N VAL B 48 -2.71 -12.08 15.83
CA VAL B 48 -1.57 -11.90 16.69
C VAL B 48 -0.40 -11.40 15.89
N VAL B 49 0.27 -10.36 16.40
CA VAL B 49 1.55 -9.90 15.83
C VAL B 49 2.62 -10.07 16.88
N VAL B 50 3.75 -10.60 16.46
CA VAL B 50 4.81 -10.91 17.38
C VAL B 50 5.90 -9.88 17.18
N ASP B 51 6.39 -9.35 18.29
CA ASP B 51 7.56 -8.50 18.22
C ASP B 51 8.68 -9.16 19.03
N ASP B 52 9.68 -9.64 18.31
CA ASP B 52 10.98 -10.06 18.88
C ASP B 52 11.88 -8.85 19.12
N TYR B 53 12.13 -8.50 20.37
CA TYR B 53 12.87 -7.28 20.66
C TYR B 53 14.32 -7.49 21.14
N GLY B 54 14.85 -8.71 20.98
CA GLY B 54 16.26 -8.99 21.32
C GLY B 54 17.24 -8.48 20.27
N HIS B 55 17.14 -7.20 19.91
CA HIS B 55 17.97 -6.69 18.80
C HIS B 55 18.08 -5.16 18.90
N GLY B 56 19.23 -4.62 18.50
CA GLY B 56 19.42 -3.17 18.45
C GLY B 56 19.27 -2.45 19.78
N GLY B 57 19.58 -3.15 20.86
CA GLY B 57 19.37 -2.63 22.21
C GLY B 57 17.90 -2.38 22.58
N ARG B 58 16.93 -2.87 21.82
CA ARG B 58 15.54 -2.62 22.15
C ARG B 58 15.16 -3.29 23.49
N SER B 59 14.09 -2.81 24.10
CA SER B 59 13.64 -3.24 25.42
C SER B 59 12.17 -3.69 25.39
N GLY B 60 11.72 -4.29 26.47
CA GLY B 60 10.31 -4.68 26.60
C GLY B 60 9.35 -3.51 26.45
N LEU B 61 9.78 -2.33 26.90
CA LEU B 61 8.96 -1.14 26.77
C LEU B 61 8.88 -0.72 25.31
N ASP B 62 9.99 -0.84 24.58
CA ASP B 62 9.97 -0.46 23.17
C ASP B 62 9.02 -1.37 22.39
N ALA B 63 9.04 -2.67 22.69
CA ALA B 63 8.13 -3.62 22.07
C ALA B 63 6.65 -3.20 22.24
N VAL B 64 6.30 -2.76 23.44
CA VAL B 64 4.91 -2.40 23.75
C VAL B 64 4.52 -1.14 22.98
N GLU B 65 5.42 -0.16 22.97
CA GLU B 65 5.21 1.09 22.24
C GLU B 65 5.03 0.86 20.75
N HIS B 66 5.76 -0.09 20.18
CA HIS B 66 5.64 -0.39 18.76
C HIS B 66 4.26 -1.03 18.45
N LEU B 67 3.79 -1.86 19.36
CA LEU B 67 2.57 -2.66 19.14
C LEU B 67 1.26 -1.97 19.48
N ALA B 68 1.29 -1.05 20.43
CA ALA B 68 0.06 -0.52 21.01
C ALA B 68 -0.95 0.02 19.99
N PRO B 69 -0.51 0.84 19.04
CA PRO B 69 -1.44 1.34 18.01
C PRO B 69 -2.07 0.26 17.11
N GLN B 70 -1.54 -0.96 17.10
CA GLN B 70 -2.06 -2.04 16.23
C GLN B 70 -2.82 -3.12 17.01
N VAL B 71 -2.86 -3.00 18.32
CA VAL B 71 -3.38 -4.08 19.16
C VAL B 71 -4.37 -3.57 20.20
N ASP B 72 -5.22 -4.49 20.63
CA ASP B 72 -6.20 -4.24 21.67
C ASP B 72 -5.72 -4.77 23.00
N ALA B 73 -4.55 -5.40 23.01
CA ALA B 73 -3.99 -5.98 24.22
C ALA B 73 -2.61 -6.50 23.89
N VAL B 74 -1.82 -6.75 24.93
CA VAL B 74 -0.49 -7.34 24.80
C VAL B 74 -0.28 -8.43 25.83
N ILE B 75 0.38 -9.51 25.42
CA ILE B 75 0.92 -10.55 26.31
C ILE B 75 2.42 -10.59 26.08
N GLY B 76 3.23 -10.58 27.14
CA GLY B 76 4.66 -10.69 26.91
C GLY B 76 5.60 -10.76 28.06
N TYR B 77 6.84 -11.11 27.72
CA TYR B 77 7.95 -11.07 28.65
C TYR B 77 8.55 -9.69 28.46
N LEU B 78 8.38 -8.80 29.44
CA LEU B 78 8.79 -7.42 29.27
C LEU B 78 10.08 -7.02 29.98
N GLY B 79 10.72 -7.97 30.66
CA GLY B 79 12.05 -7.70 31.23
C GLY B 79 12.06 -6.60 32.27
N GLY B 80 10.97 -6.48 33.01
CA GLY B 80 10.85 -5.50 34.09
C GLY B 80 9.88 -4.35 33.88
N TYR B 81 9.44 -4.13 32.64
CA TYR B 81 8.72 -2.88 32.31
C TYR B 81 7.21 -2.98 32.39
N ALA B 82 6.70 -3.86 33.26
CA ALA B 82 5.26 -4.02 33.44
C ALA B 82 4.53 -2.69 33.67
N ASP B 83 5.02 -1.90 34.63
CA ASP B 83 4.34 -0.64 35.01
C ASP B 83 4.24 0.32 33.84
N GLN B 84 5.39 0.65 33.28
CA GLN B 84 5.44 1.65 32.24
C GLN B 84 4.63 1.17 31.03
N ALA B 85 4.79 -0.09 30.67
CA ALA B 85 4.03 -0.68 29.56
C ALA B 85 2.53 -0.62 29.75
N GLN B 86 2.03 -0.94 30.94
CA GLN B 86 0.57 -0.81 31.13
C GLN B 86 0.14 0.66 30.96
N THR B 87 0.97 1.60 31.39
CA THR B 87 0.70 3.02 31.22
C THR B 87 0.66 3.40 29.73
N VAL B 88 1.63 2.93 28.96
CA VAL B 88 1.60 3.16 27.52
C VAL B 88 0.28 2.64 26.93
N LEU B 89 -0.18 1.50 27.42
CA LEU B 89 -1.39 0.85 26.90
C LEU B 89 -2.71 1.44 27.40
N GLY B 90 -2.64 2.30 28.41
CA GLY B 90 -3.85 2.86 28.98
C GLY B 90 -4.79 1.76 29.47
N ARG B 91 -5.96 1.66 28.85
CA ARG B 91 -6.99 0.71 29.27
C ARG B 91 -6.94 -0.63 28.54
N ARG B 92 -6.02 -0.75 27.59
CA ARG B 92 -5.81 -2.05 26.96
C ARG B 92 -4.99 -2.91 27.93
N PRO B 93 -5.48 -4.14 28.20
CA PRO B 93 -4.80 -5.00 29.16
C PRO B 93 -3.41 -5.49 28.76
N LEU B 94 -2.48 -5.44 29.71
CA LEU B 94 -1.17 -6.08 29.58
C LEU B 94 -1.17 -7.28 30.50
N ILE B 95 -0.79 -8.43 29.96
CA ILE B 95 -0.53 -9.62 30.79
C ILE B 95 0.94 -9.92 30.75
N VAL B 96 1.64 -9.69 31.86
CA VAL B 96 3.07 -10.03 31.90
C VAL B 96 3.32 -11.43 32.42
N LEU B 97 4.34 -12.06 31.84
CA LEU B 97 4.83 -13.35 32.27
C LEU B 97 6.11 -13.23 33.05
N ASP B 98 6.17 -13.98 34.14
CA ASP B 98 7.42 -14.24 34.83
C ASP B 98 8.09 -12.97 35.36
N GLU B 99 7.27 -12.05 35.84
CA GLU B 99 7.77 -10.89 36.55
C GLU B 99 6.73 -10.31 37.50
N ASN B 100 7.23 -9.50 38.42
CA ASN B 100 6.40 -8.69 39.28
C ASN B 100 5.39 -7.92 38.43
N PRO B 101 4.09 -8.20 38.62
CA PRO B 101 3.07 -7.55 37.78
C PRO B 101 2.91 -6.05 37.97
N GLY B 102 3.16 -5.57 39.20
CA GLY B 102 2.87 -4.19 39.53
C GLY B 102 1.50 -3.74 39.02
N GLY B 103 1.50 -2.69 38.21
CA GLY B 103 0.26 -2.11 37.71
C GLY B 103 -0.32 -2.82 36.50
N ALA B 104 0.31 -3.90 36.05
CA ALA B 104 -0.21 -4.64 34.90
C ALA B 104 -1.60 -5.17 35.19
N ALA B 105 -2.42 -5.25 34.15
CA ALA B 105 -3.80 -5.72 34.29
C ALA B 105 -3.84 -7.19 34.72
N GLY B 106 -2.91 -7.99 34.20
CA GLY B 106 -2.84 -9.43 34.53
C GLY B 106 -1.43 -9.97 34.57
N SER B 107 -1.28 -11.18 35.08
CA SER B 107 0.05 -11.74 35.31
C SER B 107 0.03 -13.25 35.35
N ILE B 108 1.07 -13.85 34.80
CA ILE B 108 1.29 -15.29 34.89
C ILE B 108 2.68 -15.54 35.48
N ASN B 109 2.75 -16.14 36.67
CA ASN B 109 4.03 -16.49 37.28
C ASN B 109 4.16 -17.99 37.55
N PHE B 110 5.34 -18.38 37.98
CA PHE B 110 5.67 -19.79 38.15
C PHE B 110 6.21 -20.04 39.54
N ASP B 111 5.85 -21.19 40.10
CA ASP B 111 6.25 -21.54 41.45
C ASP B 111 7.65 -22.11 41.44
N TYR B 112 8.65 -21.25 41.51
CA TYR B 112 10.03 -21.72 41.43
C TYR B 112 10.48 -22.49 42.69
N GLN B 113 9.86 -22.20 43.82
CA GLN B 113 10.18 -22.91 45.06
C GLN B 113 9.82 -24.35 44.91
N HIS B 114 8.61 -24.59 44.41
CA HIS B 114 8.16 -25.94 44.13
C HIS B 114 9.12 -26.62 43.17
N ALA B 115 9.40 -25.95 42.06
CA ALA B 115 10.29 -26.49 41.03
C ALA B 115 11.66 -26.81 41.59
N ALA B 116 12.17 -25.91 42.44
CA ALA B 116 13.49 -26.10 43.03
C ALA B 116 13.50 -27.33 43.90
N LYS B 117 12.44 -27.46 44.70
CA LYS B 117 12.29 -28.59 45.60
C LYS B 117 12.30 -29.90 44.82
N VAL B 118 11.41 -30.02 43.86
CA VAL B 118 11.29 -31.25 43.08
C VAL B 118 12.58 -31.61 42.35
N ALA B 119 13.25 -30.62 41.76
CA ALA B 119 14.45 -30.88 40.98
C ALA B 119 15.61 -31.34 41.86
N VAL B 120 15.75 -30.72 43.02
CA VAL B 120 16.81 -31.13 43.93
C VAL B 120 16.52 -32.54 44.43
N ALA B 121 15.24 -32.80 44.72
CA ALA B 121 14.84 -34.09 45.26
C ALA B 121 15.34 -35.22 44.37
N GLN B 122 15.26 -35.03 43.06
CA GLN B 122 15.63 -36.06 42.10
C GLN B 122 17.11 -36.40 42.21
N LEU B 123 17.93 -35.37 42.27
CA LEU B 123 19.35 -35.52 42.51
C LEU B 123 19.65 -36.15 43.88
N MET B 124 18.89 -35.79 44.91
CA MET B 124 19.08 -36.41 46.23
C MET B 124 18.69 -37.89 46.19
N ASP B 125 17.59 -38.21 45.49
CA ASP B 125 17.15 -39.60 45.33
C ASP B 125 18.20 -40.49 44.66
N SER B 126 19.08 -39.89 43.88
CA SER B 126 20.19 -40.62 43.29
C SER B 126 21.46 -40.52 44.13
N LYS B 127 21.35 -40.10 45.40
CA LYS B 127 22.50 -39.96 46.30
C LYS B 127 23.67 -39.20 45.69
N ARG B 128 23.40 -38.07 45.03
CA ARG B 128 24.46 -37.32 44.36
C ARG B 128 25.16 -36.42 45.37
N GLN B 129 26.47 -36.64 45.48
CA GLN B 129 27.29 -36.07 46.54
C GLN B 129 27.83 -34.68 46.22
N HIS B 130 28.08 -34.42 44.93
CA HIS B 130 28.74 -33.19 44.49
C HIS B 130 27.98 -32.50 43.37
N ILE B 131 27.20 -31.50 43.78
CA ILE B 131 26.18 -30.90 42.94
C ILE B 131 26.59 -29.50 42.53
N ALA B 132 26.34 -29.17 41.27
CA ALA B 132 26.48 -27.77 40.80
C ALA B 132 25.15 -27.22 40.27
N TYR B 133 24.91 -25.94 40.50
CA TYR B 133 23.80 -25.22 39.84
C TYR B 133 24.39 -24.22 38.90
N LEU B 134 23.96 -24.28 37.65
CA LEU B 134 24.43 -23.34 36.62
C LEU B 134 23.41 -22.24 36.36
N GLU B 135 23.82 -21.01 36.63
CA GLU B 135 22.95 -19.85 36.69
C GLU B 135 23.16 -19.06 35.41
N ALA B 136 22.11 -18.42 34.94
CA ALA B 136 22.17 -17.52 33.80
C ALA B 136 22.58 -16.16 34.31
N GLY B 137 23.66 -15.61 33.77
CA GLY B 137 24.10 -14.26 34.14
C GLY B 137 25.41 -13.84 33.51
N SER B 138 26.16 -13.00 34.23
CA SER B 138 27.42 -12.46 33.72
C SER B 138 28.62 -13.27 34.23
N VAL B 146 27.39 -15.72 43.85
CA VAL B 146 26.04 -15.62 44.44
C VAL B 146 24.95 -15.62 43.36
N PRO B 147 23.81 -16.31 43.61
CA PRO B 147 22.76 -16.38 42.59
C PRO B 147 22.01 -15.06 42.36
N CYS B 148 21.70 -14.79 41.11
CA CYS B 148 21.03 -13.55 40.73
C CYS B 148 19.55 -13.72 40.35
N THR B 149 19.15 -14.89 39.84
CA THR B 149 17.78 -15.08 39.33
C THR B 149 16.80 -15.61 40.38
N VAL B 150 15.52 -15.48 40.08
CA VAL B 150 14.49 -15.92 41.00
C VAL B 150 14.62 -17.42 41.23
N ARG B 151 14.70 -18.15 40.12
CA ARG B 151 14.90 -19.59 40.16
C ARG B 151 16.27 -19.95 40.76
N GLY B 152 17.28 -19.14 40.45
CA GLY B 152 18.58 -19.28 41.04
C GLY B 152 18.55 -19.27 42.56
N LYS B 153 17.89 -18.26 43.13
CA LYS B 153 17.78 -18.11 44.59
C LYS B 153 16.98 -19.21 45.25
N ALA B 154 16.00 -19.75 44.52
CA ALA B 154 15.16 -20.84 45.04
C ALA B 154 15.97 -22.11 45.16
N VAL B 155 16.73 -22.41 44.11
CA VAL B 155 17.54 -23.62 44.06
C VAL B 155 18.60 -23.52 45.16
N ALA B 156 19.31 -22.40 45.21
CA ALA B 156 20.30 -22.16 46.25
C ALA B 156 19.69 -22.26 47.65
N GLY B 157 18.50 -21.71 47.82
CA GLY B 157 17.81 -21.77 49.10
C GLY B 157 17.57 -23.21 49.51
N ARG B 158 17.08 -24.02 48.58
CA ARG B 158 16.72 -25.39 48.89
C ARG B 158 17.95 -26.24 49.14
N LEU B 159 19.00 -26.04 48.35
CA LEU B 159 20.27 -26.75 48.55
C LEU B 159 20.91 -26.41 49.90
N ASP B 160 20.90 -25.13 50.26
CA ASP B 160 21.48 -24.72 51.55
C ASP B 160 20.63 -25.23 52.71
N GLU B 161 19.32 -25.28 52.53
CA GLU B 161 18.38 -25.80 53.53
C GLU B 161 18.63 -27.31 53.86
N LEU B 162 19.09 -28.05 52.87
CA LEU B 162 19.35 -29.48 53.01
C LEU B 162 20.78 -29.76 53.46
N GLY B 163 21.66 -28.79 53.28
CA GLY B 163 23.04 -28.93 53.70
C GLY B 163 23.92 -29.64 52.68
N ALA B 164 23.44 -29.67 51.44
CA ALA B 164 24.17 -30.30 50.36
C ALA B 164 25.45 -29.53 50.04
N SER B 165 26.52 -30.28 49.76
CA SER B 165 27.75 -29.68 49.28
C SER B 165 27.50 -29.34 47.82
N TRP B 166 27.46 -28.05 47.51
CA TRP B 166 27.17 -27.60 46.15
C TRP B 166 27.93 -26.36 45.72
N SER B 167 28.02 -26.16 44.41
CA SER B 167 28.71 -25.01 43.84
C SER B 167 27.83 -24.26 42.84
N LEU B 168 28.13 -22.98 42.69
CA LEU B 168 27.42 -22.13 41.76
C LEU B 168 28.30 -21.93 40.56
N ILE B 169 27.74 -22.13 39.37
CA ILE B 169 28.42 -21.76 38.13
C ILE B 169 27.55 -20.69 37.48
N VAL B 170 28.17 -19.69 36.89
CA VAL B 170 27.46 -18.63 36.18
C VAL B 170 27.95 -18.52 34.72
N ALA B 171 27.00 -18.42 33.78
CA ALA B 171 27.31 -18.20 32.37
C ALA B 171 26.19 -17.45 31.65
N GLU B 172 26.55 -16.82 30.55
CA GLU B 172 25.60 -16.15 29.68
C GLU B 172 24.61 -17.23 29.23
N GLU B 173 23.38 -16.84 28.91
CA GLU B 173 22.32 -17.80 28.59
C GLU B 173 22.36 -18.30 27.13
N THR B 174 23.40 -19.09 26.81
CA THR B 174 23.45 -19.79 25.52
C THR B 174 24.02 -21.16 25.79
N ALA B 175 23.85 -22.07 24.84
CA ALA B 175 24.40 -23.42 24.95
C ALA B 175 25.92 -23.36 24.98
N GLU B 176 26.50 -22.55 24.11
CA GLU B 176 27.95 -22.53 23.97
C GLU B 176 28.58 -22.03 25.25
N ALA B 177 28.01 -20.93 25.76
CA ALA B 177 28.44 -20.30 27.00
C ALA B 177 28.35 -21.24 28.20
N ALA B 178 27.28 -22.04 28.24
CA ALA B 178 27.12 -23.03 29.32
C ALA B 178 28.14 -24.18 29.20
N ARG B 179 28.43 -24.61 27.97
CA ARG B 179 29.41 -25.68 27.75
C ARG B 179 30.79 -25.30 28.27
N GLU B 180 31.23 -24.10 27.90
CA GLU B 180 32.55 -23.59 28.24
C GLU B 180 32.70 -23.49 29.74
N ALA B 181 31.70 -22.89 30.39
CA ALA B 181 31.71 -22.72 31.84
C ALA B 181 31.71 -24.05 32.58
N ALA B 182 30.86 -24.97 32.11
CA ALA B 182 30.83 -26.32 32.67
C ALA B 182 32.16 -27.03 32.43
N ALA B 183 32.72 -26.89 31.24
CA ALA B 183 33.95 -27.60 30.90
C ALA B 183 35.05 -27.16 31.83
N ALA B 184 35.20 -25.84 31.97
CA ALA B 184 36.19 -25.32 32.89
C ALA B 184 35.93 -25.85 34.30
N PHE B 185 34.71 -25.63 34.79
CA PHE B 185 34.37 -26.04 36.15
C PHE B 185 34.65 -27.52 36.45
N LEU B 186 34.40 -28.39 35.49
CA LEU B 186 34.67 -29.81 35.68
C LEU B 186 36.16 -30.10 35.92
N ARG B 187 37.03 -29.34 35.26
CA ARG B 187 38.47 -29.48 35.47
C ARG B 187 38.89 -29.11 36.89
N GLU B 188 38.31 -28.06 37.41
CA GLU B 188 38.58 -27.64 38.78
C GLU B 188 37.90 -28.55 39.80
N HIS B 189 36.74 -29.10 39.44
CA HIS B 189 35.92 -29.87 40.35
C HIS B 189 35.44 -31.13 39.65
N PRO B 190 36.34 -32.12 39.53
CA PRO B 190 36.04 -33.34 38.76
C PRO B 190 35.03 -34.28 39.42
N GLU B 191 34.89 -34.18 40.74
CA GLU B 191 33.94 -35.03 41.48
C GLU B 191 32.46 -34.78 41.16
N THR B 192 32.15 -33.62 40.56
CA THR B 192 30.75 -33.21 40.31
C THR B 192 29.91 -34.32 39.69
N ASP B 193 28.84 -34.73 40.36
CA ASP B 193 28.01 -35.83 39.87
C ASP B 193 26.53 -35.48 39.66
N GLY B 194 26.18 -34.21 39.84
CA GLY B 194 24.83 -33.72 39.57
C GLY B 194 24.88 -32.28 39.14
N ILE B 195 24.16 -31.95 38.07
CA ILE B 195 24.04 -30.57 37.63
C ILE B 195 22.60 -30.19 37.29
N LEU B 196 22.19 -29.06 37.88
CA LEU B 196 20.92 -28.43 37.60
C LEU B 196 21.23 -27.18 36.81
N ALA B 197 20.61 -27.04 35.64
CA ALA B 197 20.80 -25.86 34.83
C ALA B 197 19.59 -24.95 34.87
N PHE B 198 19.89 -23.65 34.78
CA PHE B 198 18.89 -22.60 34.67
C PHE B 198 17.77 -22.99 33.70
N ASN B 199 18.14 -23.47 32.51
CA ASN B 199 17.15 -23.96 31.55
C ASN B 199 17.71 -25.01 30.58
N ASP B 200 16.82 -25.51 29.72
CA ASP B 200 17.15 -26.60 28.83
C ASP B 200 18.19 -26.19 27.80
N LEU B 201 18.15 -24.95 27.36
CA LEU B 201 19.18 -24.47 26.42
C LEU B 201 20.56 -24.64 27.05
N MET B 202 20.72 -24.09 28.25
CA MET B 202 22.01 -24.17 28.93
C MET B 202 22.29 -25.65 29.23
N ALA B 203 21.28 -26.39 29.67
CA ALA B 203 21.47 -27.81 29.96
C ALA B 203 22.10 -28.58 28.78
N ALA B 204 21.68 -28.25 27.56
CA ALA B 204 22.22 -28.91 26.36
C ALA B 204 23.72 -28.68 26.25
N GLY B 205 24.15 -27.47 26.59
CA GLY B 205 25.57 -27.15 26.69
C GLY B 205 26.31 -27.98 27.73
N VAL B 206 25.69 -28.14 28.90
CA VAL B 206 26.28 -28.94 29.95
C VAL B 206 26.55 -30.36 29.46
N LEU B 207 25.53 -30.99 28.90
CA LEU B 207 25.66 -32.34 28.36
C LEU B 207 26.86 -32.49 27.44
N LYS B 208 27.10 -31.46 26.64
CA LYS B 208 28.20 -31.49 25.68
C LYS B 208 29.53 -31.40 26.39
N ALA B 209 29.59 -30.62 27.47
CA ALA B 209 30.80 -30.53 28.29
C ALA B 209 31.13 -31.88 28.92
N LEU B 210 30.12 -32.55 29.48
CA LEU B 210 30.26 -33.88 30.05
C LEU B 210 30.72 -34.91 28.97
N SER B 211 30.02 -34.91 27.84
CA SER B 211 30.43 -35.71 26.67
C SER B 211 31.91 -35.52 26.33
N GLY B 212 32.31 -34.27 26.12
CA GLY B 212 33.66 -33.94 25.73
C GLY B 212 34.68 -34.33 26.79
N SER B 213 34.30 -34.21 28.06
CA SER B 213 35.19 -34.49 29.17
C SER B 213 35.34 -35.99 29.38
N GLY B 214 34.54 -36.79 28.68
CA GLY B 214 34.66 -38.24 28.72
C GLY B 214 33.78 -38.88 29.77
N ARG B 215 32.93 -38.09 30.43
CA ARG B 215 32.04 -38.62 31.47
C ARG B 215 30.72 -39.08 30.86
N ARG B 216 30.18 -40.16 31.41
CA ARG B 216 28.91 -40.73 30.95
C ARG B 216 27.77 -40.07 31.71
N VAL B 217 26.59 -40.05 31.09
CA VAL B 217 25.40 -39.46 31.69
C VAL B 217 24.28 -40.49 31.59
N PRO B 218 23.62 -40.85 32.72
CA PRO B 218 23.75 -40.21 34.03
C PRO B 218 24.75 -40.83 35.01
N GLU B 219 25.49 -41.87 34.57
CA GLU B 219 26.31 -42.70 35.46
C GLU B 219 27.39 -41.93 36.23
N ASP B 220 28.16 -41.12 35.53
CA ASP B 220 29.19 -40.31 36.17
C ASP B 220 28.66 -38.95 36.63
N CYS B 221 27.59 -38.47 35.99
CA CYS B 221 26.97 -37.19 36.36
C CYS B 221 25.61 -37.05 35.68
N ALA B 222 24.60 -36.71 36.48
CA ALA B 222 23.25 -36.48 36.00
C ALA B 222 23.05 -35.02 35.60
N VAL B 223 21.99 -34.76 34.83
CA VAL B 223 21.67 -33.40 34.42
C VAL B 223 20.18 -33.18 34.38
N ILE B 224 19.74 -32.07 34.97
CA ILE B 224 18.34 -31.70 34.93
C ILE B 224 18.24 -30.25 34.48
N GLY B 225 17.35 -29.98 33.53
CA GLY B 225 17.12 -28.62 33.05
C GLY B 225 15.81 -28.04 33.59
N MET B 226 15.36 -26.99 32.95
CA MET B 226 14.07 -26.39 33.20
C MET B 226 13.54 -25.79 31.90
N ASP B 227 12.26 -26.04 31.60
CA ASP B 227 11.49 -25.47 30.47
C ASP B 227 10.62 -26.52 29.79
N GLY B 228 11.14 -27.72 29.63
CA GLY B 228 10.50 -28.72 28.79
C GLY B 228 10.33 -28.42 27.31
N ILE B 229 11.36 -27.84 26.70
CA ILE B 229 11.35 -27.61 25.26
C ILE B 229 11.46 -28.91 24.45
N PRO B 230 10.93 -28.83 23.15
CA PRO B 230 11.00 -30.10 22.41
C PRO B 230 12.43 -30.64 22.25
N LEU B 231 13.37 -29.73 22.07
CA LEU B 231 14.79 -30.05 21.98
C LEU B 231 15.27 -31.18 22.91
N GLY B 232 14.73 -31.21 24.14
CA GLY B 232 15.13 -32.17 25.16
C GLY B 232 14.99 -33.62 24.71
N GLU B 233 13.94 -33.88 23.94
CA GLU B 233 13.69 -35.23 23.41
C GLU B 233 14.60 -35.62 22.25
N LEU B 234 15.36 -34.67 21.70
CA LEU B 234 16.23 -34.95 20.57
C LEU B 234 17.66 -35.07 20.98
N LEU B 235 17.96 -34.63 22.20
CA LEU B 235 19.30 -34.73 22.72
C LEU B 235 19.62 -36.18 23.02
N SER B 236 20.90 -36.50 23.08
CA SER B 236 21.36 -37.81 23.52
C SER B 236 22.47 -37.63 24.56
N PRO B 237 22.20 -37.95 25.83
CA PRO B 237 20.93 -38.54 26.29
C PRO B 237 19.80 -37.54 26.31
N GLN B 238 18.58 -38.03 26.14
CA GLN B 238 17.41 -37.20 26.30
C GLN B 238 17.43 -36.57 27.69
N LEU B 239 16.91 -35.34 27.79
CA LEU B 239 17.17 -34.48 28.93
C LEU B 239 16.01 -34.46 29.91
N SER B 240 16.29 -34.79 31.16
CA SER B 240 15.32 -34.65 32.22
C SER B 240 15.19 -33.16 32.54
N THR B 241 13.97 -32.72 32.81
CA THR B 241 13.69 -31.29 32.94
C THR B 241 12.44 -31.02 33.76
N MET B 242 12.47 -29.87 34.44
CA MET B 242 11.26 -29.34 35.05
C MET B 242 10.50 -28.63 33.91
N ALA B 243 9.48 -29.30 33.40
CA ALA B 243 8.79 -28.86 32.20
C ALA B 243 7.59 -27.98 32.53
N LEU B 244 7.31 -27.05 31.63
CA LEU B 244 6.06 -26.31 31.63
C LEU B 244 5.20 -26.81 30.47
N ASP B 245 3.94 -27.14 30.75
CA ASP B 245 2.99 -27.50 29.71
C ASP B 245 2.64 -26.19 29.01
N LEU B 246 3.20 -26.00 27.82
CA LEU B 246 3.01 -24.78 27.09
C LEU B 246 1.58 -24.62 26.61
N ARG B 247 0.85 -25.73 26.44
CA ARG B 247 -0.59 -25.62 26.16
C ARG B 247 -1.30 -24.96 27.35
N GLU B 248 -0.87 -25.29 28.56
CA GLU B 248 -1.47 -24.74 29.79
C GLU B 248 -1.10 -23.27 29.95
N VAL B 249 0.15 -22.94 29.64
CA VAL B 249 0.62 -21.55 29.82
C VAL B 249 -0.15 -20.63 28.88
N GLY B 250 -0.23 -21.01 27.61
CA GLY B 250 -0.98 -20.25 26.63
C GLY B 250 -2.45 -20.15 26.99
N ARG B 251 -3.04 -21.28 27.37
CA ARG B 251 -4.45 -21.31 27.78
C ARG B 251 -4.68 -20.34 28.93
N ALA B 252 -3.79 -20.38 29.91
CA ALA B 252 -3.86 -19.44 31.03
C ALA B 252 -3.86 -17.97 30.58
N ALA B 253 -2.99 -17.65 29.62
CA ALA B 253 -2.85 -16.28 29.15
C ALA B 253 -4.03 -15.81 28.29
N VAL B 254 -4.54 -16.69 27.45
CA VAL B 254 -5.65 -16.31 26.58
C VAL B 254 -6.96 -16.18 27.39
N GLU B 255 -7.28 -17.16 28.21
CA GLU B 255 -8.50 -17.08 29.04
C GLU B 255 -8.48 -15.85 29.95
N LEU B 256 -7.34 -15.60 30.60
CA LEU B 256 -7.15 -14.41 31.41
C LEU B 256 -7.41 -13.15 30.59
N LEU B 257 -6.98 -13.17 29.34
CA LEU B 257 -7.23 -12.07 28.46
C LEU B 257 -8.71 -11.94 28.12
N VAL B 258 -9.36 -13.07 27.84
CA VAL B 258 -10.81 -13.08 27.65
C VAL B 258 -11.52 -12.44 28.84
N GLY B 259 -11.19 -12.90 30.03
CA GLY B 259 -11.79 -12.35 31.24
C GLY B 259 -11.59 -10.84 31.33
N LEU B 260 -10.36 -10.39 31.14
CA LEU B 260 -10.06 -8.98 31.26
C LEU B 260 -10.81 -8.15 30.22
N LEU B 261 -10.91 -8.64 29.01
CA LEU B 261 -11.66 -7.92 27.98
C LEU B 261 -13.17 -7.98 28.24
N SER B 262 -13.67 -9.10 28.73
CA SER B 262 -15.09 -9.21 29.04
C SER B 262 -15.46 -8.40 30.30
N GLY B 263 -14.50 -8.19 31.20
CA GLY B 263 -14.78 -7.57 32.49
C GLY B 263 -15.11 -8.57 33.58
N ALA B 264 -15.05 -9.86 33.26
CA ALA B 264 -15.19 -10.91 34.27
C ALA B 264 -14.12 -10.77 35.32
N VAL B 265 -12.93 -10.36 34.88
CA VAL B 265 -11.79 -10.14 35.77
C VAL B 265 -11.42 -8.66 35.86
N THR B 266 -11.23 -8.19 37.09
CA THR B 266 -10.85 -6.81 37.33
C THR B 266 -9.35 -6.72 37.18
N PRO B 267 -8.87 -5.78 36.37
CA PRO B 267 -7.43 -5.54 36.23
C PRO B 267 -6.76 -5.31 37.58
N GLY B 268 -5.60 -5.93 37.80
CA GLY B 268 -4.82 -5.71 39.02
C GLY B 268 -5.22 -6.54 40.24
N SER B 269 -6.40 -7.17 40.17
CA SER B 269 -6.94 -7.96 41.27
C SER B 269 -6.21 -9.27 41.48
N GLN B 270 -6.56 -9.95 42.56
CA GLN B 270 -6.08 -11.31 42.82
C GLN B 270 -6.41 -12.26 41.67
N SER B 271 -7.65 -12.18 41.22
CA SER B 271 -8.17 -13.04 40.15
C SER B 271 -7.49 -12.82 38.80
N SER B 272 -6.68 -11.76 38.69
CA SER B 272 -5.92 -11.48 37.47
C SER B 272 -4.47 -11.93 37.55
N ARG B 273 -4.09 -12.54 38.67
CA ARG B 273 -2.74 -13.02 38.89
C ARG B 273 -2.81 -14.51 39.02
N THR B 274 -2.10 -15.20 38.13
CA THR B 274 -2.15 -16.63 38.07
C THR B 274 -0.75 -17.15 38.32
N THR B 275 -0.68 -18.32 38.94
CA THR B 275 0.56 -19.03 39.12
C THR B 275 0.41 -20.44 38.59
N LEU B 276 1.40 -20.87 37.82
CA LEU B 276 1.47 -22.22 37.29
C LEU B 276 2.69 -22.97 37.84
N LYS B 277 2.66 -24.30 37.73
CA LYS B 277 3.75 -25.14 38.25
C LYS B 277 4.44 -25.90 37.13
N HIS B 278 5.72 -26.20 37.34
CA HIS B 278 6.45 -27.10 36.46
C HIS B 278 6.14 -28.54 36.87
N ARG B 279 6.19 -29.45 35.91
CA ARG B 279 6.10 -30.89 36.14
C ARG B 279 7.45 -31.51 35.82
N LEU B 280 7.92 -32.40 36.66
CA LEU B 280 9.15 -33.12 36.39
C LEU B 280 8.91 -34.18 35.29
N VAL B 281 9.78 -34.16 34.28
CA VAL B 281 9.72 -35.10 33.17
C VAL B 281 11.06 -35.83 33.17
N LEU B 282 11.05 -37.10 33.53
CA LEU B 282 12.29 -37.85 33.60
C LEU B 282 12.63 -38.50 32.28
N ARG B 283 13.86 -38.29 31.83
CA ARG B 283 14.37 -38.87 30.61
C ARG B 283 15.68 -39.59 30.91
N GLU B 284 16.51 -39.74 29.91
CA GLU B 284 17.81 -40.41 30.04
C GLU B 284 18.88 -39.71 30.86
N SER B 285 18.76 -38.40 31.07
CA SER B 285 19.86 -37.65 31.70
C SER B 285 19.90 -37.83 33.21
N THR B 286 18.90 -38.51 33.78
CA THR B 286 18.88 -38.93 35.18
C THR B 286 18.61 -40.43 35.37
N GLU B 287 19.00 -40.94 36.55
CA GLU B 287 18.73 -42.31 36.96
C GLU B 287 17.70 -42.34 38.09
N ALA C 14 12.00 2.77 -11.10
CA ALA C 14 10.55 2.69 -10.74
C ALA C 14 10.09 4.01 -10.13
N ARG C 15 9.14 4.67 -10.80
CA ARG C 15 8.69 5.97 -10.36
C ARG C 15 7.64 5.85 -9.29
N THR C 16 7.61 6.82 -8.40
CA THR C 16 6.48 7.00 -7.51
C THR C 16 5.20 7.21 -8.32
N SER C 17 4.12 6.54 -7.93
CA SER C 17 2.84 6.63 -8.62
C SER C 17 1.81 7.17 -7.65
N VAL C 18 1.04 8.16 -8.10
CA VAL C 18 0.02 8.83 -7.29
C VAL C 18 -1.36 8.79 -7.96
N GLY C 19 -2.38 8.48 -7.16
CA GLY C 19 -3.74 8.48 -7.65
C GLY C 19 -4.49 9.74 -7.26
N LEU C 20 -5.29 10.23 -8.19
CA LEU C 20 -6.05 11.44 -7.95
C LEU C 20 -7.53 11.12 -8.13
N ALA C 21 -8.26 11.19 -7.03
CA ALA C 21 -9.70 10.90 -7.01
C ALA C 21 -10.49 12.20 -7.07
N ILE C 22 -11.40 12.31 -8.04
CA ILE C 22 -12.30 13.48 -8.14
C ILE C 22 -13.73 13.08 -8.45
N PRO C 23 -14.69 13.80 -7.84
CA PRO C 23 -16.09 13.41 -7.94
C PRO C 23 -16.73 13.66 -9.30
N ASP C 24 -16.16 14.51 -10.12
CA ASP C 24 -16.67 14.74 -11.48
C ASP C 24 -15.70 15.57 -12.29
N LEU C 25 -15.91 15.62 -13.60
CA LEU C 25 -15.15 16.50 -14.48
C LEU C 25 -16.05 17.56 -15.12
N THR C 26 -17.30 17.61 -14.65
CA THR C 26 -18.32 18.52 -15.15
C THR C 26 -18.30 19.85 -14.42
N ASN C 27 -17.81 19.87 -13.19
CA ASN C 27 -17.61 21.14 -12.49
C ASN C 27 -16.21 21.64 -12.84
N PRO C 28 -16.15 22.80 -13.51
CA PRO C 28 -14.85 23.28 -13.98
C PRO C 28 -13.76 23.36 -12.91
N TYR C 29 -14.13 23.43 -11.63
CA TYR C 29 -13.13 23.41 -10.57
C TYR C 29 -12.19 22.21 -10.65
N PHE C 30 -12.74 21.02 -10.90
CA PHE C 30 -12.00 19.79 -10.68
C PHE C 30 -10.94 19.52 -11.73
N PRO C 31 -11.24 19.74 -13.03
CA PRO C 31 -10.15 19.57 -13.99
C PRO C 31 -9.01 20.59 -13.79
N ALA C 32 -9.31 21.77 -13.24
CA ALA C 32 -8.27 22.77 -12.97
C ALA C 32 -7.43 22.31 -11.78
N PHE C 33 -8.12 21.88 -10.74
CA PHE C 33 -7.48 21.27 -9.59
C PHE C 33 -6.60 20.07 -9.99
N ALA C 34 -7.18 19.13 -10.73
CA ALA C 34 -6.42 18.00 -11.25
C ALA C 34 -5.19 18.42 -12.06
N SER C 35 -5.42 19.26 -13.07
CA SER C 35 -4.31 19.75 -13.94
C SER C 35 -3.14 20.26 -13.09
N SER C 36 -3.47 21.00 -12.04
CA SER C 36 -2.46 21.61 -11.18
C SER C 36 -1.66 20.54 -10.43
N VAL C 37 -2.36 19.59 -9.82
CA VAL C 37 -1.68 18.51 -9.10
C VAL C 37 -0.81 17.68 -10.05
N VAL C 38 -1.36 17.35 -11.22
CA VAL C 38 -0.60 16.55 -12.20
C VAL C 38 0.65 17.33 -12.65
N GLU C 39 0.51 18.63 -12.88
CA GLU C 39 1.69 19.46 -13.22
C GLU C 39 2.79 19.22 -12.18
N LEU C 40 2.53 19.54 -10.91
CA LEU C 40 3.57 19.46 -9.91
C LEU C 40 4.13 18.05 -9.75
N ALA C 41 3.26 17.06 -9.74
CA ALA C 41 3.67 15.67 -9.59
C ALA C 41 4.58 15.23 -10.71
N THR C 42 4.14 15.50 -11.93
CA THR C 42 4.94 15.23 -13.10
C THR C 42 6.28 15.91 -13.00
N LEU C 43 6.33 17.13 -12.48
CA LEU C 43 7.60 17.84 -12.45
C LEU C 43 8.58 17.18 -11.49
N ARG C 44 8.05 16.51 -10.48
CA ARG C 44 8.86 15.67 -9.59
C ARG C 44 9.24 14.35 -10.22
N GLY C 45 8.80 14.09 -11.45
CA GLY C 45 9.01 12.80 -12.08
C GLY C 45 8.00 11.71 -11.73
N TRP C 46 6.92 12.05 -11.03
CA TRP C 46 5.92 11.02 -10.64
C TRP C 46 4.93 10.74 -11.76
N HIS C 47 4.37 9.54 -11.75
CA HIS C 47 3.21 9.21 -12.58
C HIS C 47 1.94 9.47 -11.79
N VAL C 48 0.93 10.00 -12.47
CA VAL C 48 -0.35 10.30 -11.86
C VAL C 48 -1.44 9.64 -12.67
N VAL C 49 -2.40 9.01 -12.01
CA VAL C 49 -3.60 8.54 -12.68
C VAL C 49 -4.80 9.15 -12.01
N VAL C 50 -5.76 9.59 -12.81
CA VAL C 50 -6.96 10.19 -12.29
C VAL C 50 -8.14 9.24 -12.37
N ASP C 51 -8.88 9.08 -11.26
CA ASP C 51 -10.20 8.42 -11.26
C ASP C 51 -11.34 9.45 -11.01
N ASP C 52 -12.13 9.64 -12.05
CA ASP C 52 -13.38 10.42 -12.02
C ASP C 52 -14.50 9.48 -11.61
N TYR C 53 -14.95 9.57 -10.36
CA TYR C 53 -15.89 8.57 -9.86
C TYR C 53 -17.34 9.05 -9.83
N GLY C 54 -17.64 10.15 -10.52
CA GLY C 54 -19.03 10.66 -10.58
C GLY C 54 -19.90 9.92 -11.56
N HIS C 55 -19.90 8.59 -11.51
CA HIS C 55 -20.57 7.79 -12.51
C HIS C 55 -21.01 6.46 -11.91
N GLY C 56 -22.08 5.90 -12.47
CA GLY C 56 -22.65 4.64 -11.97
C GLY C 56 -22.80 4.53 -10.46
N GLY C 57 -23.02 5.64 -9.78
CA GLY C 57 -23.24 5.63 -8.33
C GLY C 57 -22.01 5.29 -7.51
N ARG C 58 -20.83 5.40 -8.12
CA ARG C 58 -19.58 5.12 -7.40
C ARG C 58 -19.29 6.21 -6.35
N SER C 59 -18.57 5.83 -5.30
CA SER C 59 -18.21 6.74 -4.21
C SER C 59 -16.70 7.03 -4.20
N GLY C 60 -16.32 7.96 -3.35
CA GLY C 60 -14.91 8.25 -3.12
C GLY C 60 -14.15 7.02 -2.64
N LEU C 61 -14.84 6.19 -1.87
CA LEU C 61 -14.28 4.92 -1.40
C LEU C 61 -13.97 3.96 -2.55
N ASP C 62 -14.88 3.83 -3.50
CA ASP C 62 -14.63 2.97 -4.66
C ASP C 62 -13.41 3.43 -5.44
N ALA C 63 -13.26 4.74 -5.59
CA ALA C 63 -12.13 5.29 -6.32
C ALA C 63 -10.84 4.87 -5.63
N VAL C 64 -10.82 4.95 -4.30
CA VAL C 64 -9.62 4.60 -3.57
C VAL C 64 -9.35 3.11 -3.66
N GLU C 65 -10.39 2.29 -3.55
CA GLU C 65 -10.23 0.85 -3.74
C GLU C 65 -9.70 0.56 -5.14
N HIS C 66 -10.20 1.27 -6.14
CA HIS C 66 -9.71 1.08 -7.49
C HIS C 66 -8.23 1.47 -7.61
N LEU C 67 -7.83 2.60 -7.03
CA LEU C 67 -6.49 3.13 -7.30
C LEU C 67 -5.40 2.42 -6.51
N ALA C 68 -5.74 2.06 -5.29
CA ALA C 68 -4.73 1.61 -4.29
C ALA C 68 -3.61 0.70 -4.81
N PRO C 69 -3.99 -0.41 -5.47
CA PRO C 69 -3.00 -1.40 -5.93
C PRO C 69 -2.00 -0.85 -6.93
N GLN C 70 -2.34 0.25 -7.60
CA GLN C 70 -1.50 0.81 -8.66
C GLN C 70 -0.79 2.11 -8.28
N VAL C 71 -0.95 2.57 -7.03
CA VAL C 71 -0.35 3.82 -6.63
C VAL C 71 0.29 3.69 -5.27
N ASP C 72 1.13 4.66 -4.92
CA ASP C 72 1.82 4.69 -3.64
C ASP C 72 1.13 5.61 -2.66
N ALA C 73 0.18 6.39 -3.16
CA ALA C 73 -0.50 7.41 -2.39
C ALA C 73 -1.69 7.93 -3.20
N VAL C 74 -2.65 8.52 -2.50
CA VAL C 74 -3.79 9.15 -3.13
C VAL C 74 -3.98 10.55 -2.60
N ILE C 75 -4.33 11.45 -3.52
CA ILE C 75 -4.77 12.80 -3.21
C ILE C 75 -6.17 12.92 -3.78
N GLY C 76 -7.12 13.44 -3.02
CA GLY C 76 -8.45 13.53 -3.58
C GLY C 76 -9.52 14.19 -2.77
N TYR C 77 -10.66 14.30 -3.45
CA TYR C 77 -11.91 14.74 -2.87
C TYR C 77 -12.77 13.47 -2.71
N LEU C 78 -13.01 13.04 -1.47
CA LEU C 78 -13.55 11.70 -1.22
C LEU C 78 -15.01 11.62 -0.78
N GLY C 79 -15.73 12.73 -0.87
CA GLY C 79 -17.17 12.76 -0.56
C GLY C 79 -17.64 12.15 0.77
N GLY C 80 -16.82 12.29 1.80
CA GLY C 80 -17.14 11.77 3.13
C GLY C 80 -16.38 10.53 3.57
N TYR C 81 -15.63 9.93 2.65
CA TYR C 81 -15.00 8.62 2.89
C TYR C 81 -13.51 8.65 3.25
N ALA C 82 -13.02 9.81 3.67
CA ALA C 82 -11.62 9.97 4.05
C ALA C 82 -11.09 8.88 4.96
N ASP C 83 -11.81 8.63 6.07
CA ASP C 83 -11.34 7.73 7.12
C ASP C 83 -11.29 6.26 6.63
N GLN C 84 -12.36 5.82 5.99
CA GLN C 84 -12.39 4.48 5.44
C GLN C 84 -11.38 4.31 4.29
N ALA C 85 -11.12 5.36 3.54
CA ALA C 85 -10.17 5.25 2.44
C ALA C 85 -8.73 5.03 2.94
N GLN C 86 -8.34 5.72 4.03
CA GLN C 86 -7.01 5.56 4.60
C GLN C 86 -6.84 4.14 5.16
N THR C 87 -7.87 3.64 5.81
CA THR C 87 -7.88 2.26 6.26
C THR C 87 -7.60 1.29 5.08
N VAL C 88 -8.33 1.43 3.99
CA VAL C 88 -8.06 0.65 2.78
C VAL C 88 -6.58 0.81 2.37
N LEU C 89 -6.15 2.06 2.28
CA LEU C 89 -4.78 2.38 1.90
C LEU C 89 -3.71 1.85 2.86
N GLY C 90 -4.07 1.69 4.13
CA GLY C 90 -3.11 1.23 5.13
C GLY C 90 -2.14 2.35 5.47
N ARG C 91 -0.87 2.13 5.15
CA ARG C 91 0.18 3.14 5.33
C ARG C 91 0.51 3.90 4.04
N ARG C 92 -0.12 3.54 2.93
CA ARG C 92 -0.05 4.36 1.75
C ARG C 92 -0.82 5.66 2.07
N PRO C 93 -0.13 6.80 1.98
CA PRO C 93 -0.76 8.00 2.50
C PRO C 93 -1.92 8.53 1.64
N LEU C 94 -2.98 8.95 2.31
CA LEU C 94 -4.07 9.67 1.68
C LEU C 94 -3.99 11.12 2.08
N ILE C 95 -4.06 12.02 1.11
CA ILE C 95 -4.26 13.45 1.39
C ILE C 95 -5.62 13.86 0.85
N VAL C 96 -6.51 14.26 1.75
CA VAL C 96 -7.88 14.65 1.40
C VAL C 96 -8.02 16.15 1.48
N LEU C 97 -8.88 16.70 0.64
CA LEU C 97 -9.15 18.13 0.63
C LEU C 97 -10.56 18.39 1.08
N ASP C 98 -10.73 19.44 1.86
CA ASP C 98 -12.05 20.05 2.02
C ASP C 98 -13.09 19.15 2.70
N GLU C 99 -12.63 18.23 3.54
CA GLU C 99 -13.54 17.44 4.40
C GLU C 99 -12.86 17.08 5.71
N ASN C 100 -13.65 16.65 6.71
CA ASN C 100 -13.07 16.13 7.94
C ASN C 100 -12.21 14.91 7.60
N PRO C 101 -10.89 15.00 7.83
CA PRO C 101 -10.00 13.95 7.34
C PRO C 101 -9.98 12.64 8.15
N GLY C 102 -10.60 12.61 9.33
CA GLY C 102 -10.52 11.42 10.17
C GLY C 102 -9.06 11.01 10.32
N GLY C 103 -8.79 9.72 10.17
CA GLY C 103 -7.43 9.22 10.25
C GLY C 103 -6.58 9.36 8.97
N ALA C 104 -7.00 10.16 8.00
CA ALA C 104 -6.17 10.35 6.81
C ALA C 104 -4.76 10.87 7.15
N ALA C 105 -3.77 10.43 6.39
CA ALA C 105 -2.37 10.78 6.63
C ALA C 105 -2.14 12.29 6.59
N GLY C 106 -2.78 12.95 5.63
CA GLY C 106 -2.70 14.41 5.50
C GLY C 106 -4.02 15.00 5.06
N SER C 107 -4.14 16.33 5.21
CA SER C 107 -5.36 17.05 4.84
C SER C 107 -5.10 18.50 4.50
N ILE C 108 -5.83 19.02 3.52
CA ILE C 108 -5.87 20.45 3.19
C ILE C 108 -7.29 20.99 3.34
N ASN C 109 -7.45 22.07 4.09
CA ASN C 109 -8.77 22.70 4.25
C ASN C 109 -8.70 24.20 3.99
N PHE C 110 -9.86 24.84 3.89
CA PHE C 110 -9.95 26.26 3.57
C PHE C 110 -10.68 27.03 4.65
N ASP C 111 -10.20 28.24 4.86
CA ASP C 111 -10.74 29.13 5.87
C ASP C 111 -11.98 29.81 5.30
N TYR C 112 -13.15 29.21 5.49
CA TYR C 112 -14.38 29.74 4.90
C TYR C 112 -14.92 30.95 5.65
N GLN C 113 -14.64 31.03 6.95
CA GLN C 113 -14.94 32.25 7.71
C GLN C 113 -14.22 33.47 7.18
N HIS C 114 -12.91 33.34 6.96
CA HIS C 114 -12.17 34.38 6.26
C HIS C 114 -12.86 34.74 4.94
N ALA C 115 -13.14 33.72 4.13
CA ALA C 115 -13.70 33.94 2.80
C ALA C 115 -15.07 34.62 2.84
N ALA C 116 -15.89 34.25 3.83
CA ALA C 116 -17.22 34.79 4.01
C ALA C 116 -17.17 36.25 4.45
N LYS C 117 -16.23 36.56 5.32
CA LYS C 117 -16.02 37.91 5.77
C LYS C 117 -15.68 38.77 4.57
N VAL C 118 -14.66 38.36 3.82
CA VAL C 118 -14.22 39.15 2.69
C VAL C 118 -15.32 39.29 1.63
N ALA C 119 -16.13 38.26 1.44
CA ALA C 119 -17.17 38.29 0.40
C ALA C 119 -18.31 39.22 0.79
N VAL C 120 -18.80 39.06 2.01
CA VAL C 120 -19.85 39.92 2.54
C VAL C 120 -19.37 41.37 2.59
N ALA C 121 -18.18 41.58 3.13
CA ALA C 121 -17.58 42.92 3.16
C ALA C 121 -17.77 43.60 1.83
N GLN C 122 -17.44 42.88 0.75
CA GLN C 122 -17.54 43.43 -0.58
C GLN C 122 -18.94 43.95 -0.91
N LEU C 123 -19.96 43.20 -0.50
CA LEU C 123 -21.35 43.62 -0.73
C LEU C 123 -21.78 44.77 0.16
N MET C 124 -21.33 44.76 1.41
CA MET C 124 -21.55 45.89 2.32
C MET C 124 -20.91 47.17 1.79
N ASP C 125 -19.67 47.06 1.34
CA ASP C 125 -18.97 48.22 0.73
C ASP C 125 -19.79 48.84 -0.39
N SER C 126 -20.43 48.02 -1.21
CA SER C 126 -21.31 48.55 -2.27
C SER C 126 -22.72 48.80 -1.76
N LYS C 127 -22.90 48.74 -0.44
CA LYS C 127 -24.14 49.12 0.22
C LYS C 127 -25.38 48.41 -0.32
N ARG C 128 -25.25 47.12 -0.60
CA ARG C 128 -26.39 46.37 -1.13
C ARG C 128 -27.30 46.09 0.04
N GLN C 129 -28.61 46.22 -0.17
CA GLN C 129 -29.59 46.14 0.90
C GLN C 129 -30.40 44.86 0.92
N HIS C 130 -30.35 44.11 -0.16
CA HIS C 130 -31.13 42.89 -0.28
C HIS C 130 -30.28 41.77 -0.85
N ILE C 131 -29.70 41.03 0.07
CA ILE C 131 -28.68 40.03 -0.23
C ILE C 131 -29.29 38.62 -0.19
N ALA C 132 -29.08 37.85 -1.26
CA ALA C 132 -29.38 36.43 -1.25
C ALA C 132 -28.08 35.64 -1.21
N TYR C 133 -28.12 34.48 -0.55
CA TYR C 133 -27.05 33.46 -0.67
C TYR C 133 -27.60 32.24 -1.41
N LEU C 134 -26.88 31.79 -2.44
CA LEU C 134 -27.23 30.57 -3.16
C LEU C 134 -26.42 29.39 -2.64
N GLU C 135 -27.11 28.45 -2.02
CA GLU C 135 -26.50 27.29 -1.43
C GLU C 135 -26.62 26.14 -2.40
N ALA C 136 -25.61 25.29 -2.41
CA ALA C 136 -25.67 24.01 -3.11
C ALA C 136 -26.31 22.99 -2.18
N GLY C 137 -27.28 22.23 -2.68
CA GLY C 137 -27.99 21.22 -1.87
C GLY C 137 -29.38 20.85 -2.42
N SER C 138 -30.28 20.46 -1.52
CA SER C 138 -31.72 20.23 -1.86
C SER C 138 -32.63 20.29 -0.61
N ALA C 139 -33.37 21.39 -0.45
CA ALA C 139 -34.09 21.66 0.80
C ALA C 139 -35.16 20.62 1.12
N VAL C 146 -32.54 26.67 5.71
CA VAL C 146 -31.33 26.58 6.53
C VAL C 146 -30.10 26.18 5.71
N PRO C 147 -28.92 26.75 6.01
CA PRO C 147 -27.69 26.34 5.31
C PRO C 147 -27.16 25.00 5.78
N CYS C 148 -26.79 24.15 4.82
CA CYS C 148 -26.30 22.83 5.12
C CYS C 148 -24.77 22.68 4.92
N THR C 149 -24.15 23.49 4.06
CA THR C 149 -22.69 23.40 3.82
C THR C 149 -21.85 24.31 4.73
N VAL C 150 -20.57 23.98 4.81
CA VAL C 150 -19.67 24.63 5.72
C VAL C 150 -19.55 26.09 5.35
N ARG C 151 -19.25 26.34 4.09
CA ARG C 151 -19.08 27.70 3.62
C ARG C 151 -20.38 28.47 3.70
N GLY C 152 -21.49 27.76 3.55
CA GLY C 152 -22.82 28.35 3.71
C GLY C 152 -23.10 28.82 5.13
N LYS C 153 -22.75 28.00 6.12
CA LYS C 153 -22.99 28.39 7.51
C LYS C 153 -22.10 29.57 7.84
N ALA C 154 -20.90 29.56 7.28
CA ALA C 154 -19.98 30.66 7.43
C ALA C 154 -20.58 31.99 6.93
N VAL C 155 -21.25 31.94 5.78
CA VAL C 155 -21.81 33.15 5.16
C VAL C 155 -23.02 33.64 5.95
N ALA C 156 -23.87 32.70 6.34
CA ALA C 156 -25.08 33.03 7.09
C ALA C 156 -24.71 33.59 8.45
N GLY C 157 -23.71 32.96 9.06
CA GLY C 157 -23.15 33.46 10.30
C GLY C 157 -22.73 34.90 10.16
N ARG C 158 -22.00 35.19 9.09
CA ARG C 158 -21.46 36.52 8.91
C ARG C 158 -22.55 37.55 8.62
N LEU C 159 -23.58 37.15 7.87
CA LEU C 159 -24.69 38.04 7.55
C LEU C 159 -25.58 38.27 8.76
N ASP C 160 -25.81 37.21 9.53
CA ASP C 160 -26.53 37.32 10.81
C ASP C 160 -25.74 38.20 11.77
N GLU C 161 -24.46 37.87 11.94
CA GLU C 161 -23.58 38.66 12.79
C GLU C 161 -23.59 40.13 12.43
N LEU C 162 -23.63 40.43 11.14
CA LEU C 162 -23.74 41.80 10.67
C LEU C 162 -25.17 42.37 10.74
N GLY C 163 -26.16 41.54 11.04
CA GLY C 163 -27.54 42.00 11.16
C GLY C 163 -28.15 42.49 9.85
N ALA C 164 -27.68 41.93 8.74
CA ALA C 164 -28.22 42.29 7.43
C ALA C 164 -29.50 41.51 7.19
N SER C 165 -30.32 42.05 6.30
CA SER C 165 -31.60 41.46 5.92
C SER C 165 -31.34 40.72 4.62
N TRP C 166 -31.28 39.38 4.73
CA TRP C 166 -30.83 38.53 3.63
C TRP C 166 -31.70 37.30 3.46
N SER C 167 -31.56 36.64 2.32
CA SER C 167 -32.38 35.49 1.95
C SER C 167 -31.53 34.30 1.50
N LEU C 168 -32.07 33.10 1.63
CA LEU C 168 -31.39 31.87 1.28
C LEU C 168 -32.09 31.26 0.08
N ILE C 169 -31.30 30.85 -0.91
CA ILE C 169 -31.79 30.08 -2.04
C ILE C 169 -31.00 28.77 -2.08
N VAL C 170 -31.66 27.70 -2.48
CA VAL C 170 -31.01 26.40 -2.56
C VAL C 170 -31.24 25.80 -3.93
N ALA C 171 -30.21 25.16 -4.46
CA ALA C 171 -30.32 24.42 -5.72
C ALA C 171 -29.21 23.39 -5.83
N GLU C 172 -29.45 22.45 -6.73
CA GLU C 172 -28.44 21.51 -7.18
C GLU C 172 -27.25 22.31 -7.65
N GLU C 173 -26.10 21.67 -7.72
CA GLU C 173 -24.85 22.34 -8.04
C GLU C 173 -24.54 22.22 -9.55
N THR C 174 -25.44 22.74 -10.36
CA THR C 174 -25.14 22.94 -11.77
C THR C 174 -25.51 24.37 -12.09
N ALA C 175 -24.94 24.89 -13.18
CA ALA C 175 -25.30 26.20 -13.71
C ALA C 175 -26.80 26.33 -13.95
N GLU C 176 -27.38 25.34 -14.62
CA GLU C 176 -28.80 25.36 -14.98
C GLU C 176 -29.73 25.34 -13.76
N ALA C 177 -29.40 24.48 -12.80
CA ALA C 177 -30.16 24.44 -11.55
C ALA C 177 -30.06 25.78 -10.84
N ALA C 178 -28.88 26.38 -10.87
CA ALA C 178 -28.67 27.68 -10.24
C ALA C 178 -29.47 28.79 -10.98
N ARG C 179 -29.43 28.79 -12.31
CA ARG C 179 -30.22 29.76 -13.09
C ARG C 179 -31.71 29.63 -12.80
N GLU C 180 -32.21 28.41 -12.85
CA GLU C 180 -33.63 28.18 -12.64
C GLU C 180 -34.10 28.65 -11.26
N ALA C 181 -33.37 28.27 -10.21
CA ALA C 181 -33.69 28.66 -8.84
C ALA C 181 -33.57 30.16 -8.58
N ALA C 182 -32.55 30.78 -9.16
CA ALA C 182 -32.37 32.21 -9.05
C ALA C 182 -33.52 32.94 -9.74
N ALA C 183 -33.90 32.44 -10.91
CA ALA C 183 -35.00 33.01 -11.67
C ALA C 183 -36.28 33.00 -10.86
N ALA C 184 -36.56 31.87 -10.21
CA ALA C 184 -37.76 31.74 -9.40
C ALA C 184 -37.75 32.77 -8.27
N PHE C 185 -36.61 32.86 -7.59
CA PHE C 185 -36.46 33.76 -6.46
C PHE C 185 -36.67 35.24 -6.81
N LEU C 186 -36.05 35.66 -7.90
CA LEU C 186 -36.10 37.06 -8.31
C LEU C 186 -37.50 37.54 -8.64
N ARG C 187 -38.34 36.63 -9.12
CA ARG C 187 -39.73 36.95 -9.37
C ARG C 187 -40.49 37.25 -8.09
N GLU C 188 -40.10 36.62 -6.99
CA GLU C 188 -40.71 36.91 -5.70
C GLU C 188 -39.90 37.88 -4.85
N HIS C 189 -38.70 38.22 -5.31
CA HIS C 189 -37.87 39.17 -4.57
C HIS C 189 -37.11 40.08 -5.53
N PRO C 190 -37.86 40.84 -6.35
CA PRO C 190 -37.23 41.72 -7.34
C PRO C 190 -36.27 42.75 -6.73
N GLU C 191 -36.41 43.03 -5.44
CA GLU C 191 -35.51 43.98 -4.76
C GLU C 191 -34.05 43.50 -4.70
N THR C 192 -33.85 42.19 -4.81
CA THR C 192 -32.54 41.57 -4.70
C THR C 192 -31.49 42.31 -5.51
N ASP C 193 -30.51 42.88 -4.82
CA ASP C 193 -29.45 43.63 -5.47
C ASP C 193 -28.06 43.05 -5.14
N GLY C 194 -28.00 41.86 -4.56
CA GLY C 194 -26.71 41.24 -4.27
C GLY C 194 -26.79 39.75 -4.02
N ILE C 195 -25.92 38.99 -4.69
CA ILE C 195 -25.96 37.54 -4.60
C ILE C 195 -24.56 36.91 -4.49
N LEU C 196 -24.36 36.14 -3.44
CA LEU C 196 -23.17 35.33 -3.26
C LEU C 196 -23.55 33.92 -3.65
N ALA C 197 -22.77 33.29 -4.52
CA ALA C 197 -23.03 31.91 -4.86
C ALA C 197 -21.98 31.02 -4.24
N PHE C 198 -22.44 29.82 -3.89
CA PHE C 198 -21.65 28.73 -3.36
C PHE C 198 -20.36 28.57 -4.14
N ASN C 199 -20.45 28.57 -5.46
CA ASN C 199 -19.26 28.55 -6.30
C ASN C 199 -19.48 29.18 -7.67
N ASP C 200 -18.40 29.28 -8.44
CA ASP C 200 -18.44 30.01 -9.71
C ASP C 200 -19.36 29.36 -10.71
N LEU C 201 -19.41 28.05 -10.71
CA LEU C 201 -20.26 27.37 -11.67
C LEU C 201 -21.73 27.76 -11.43
N MET C 202 -22.16 27.77 -10.16
CA MET C 202 -23.52 28.16 -9.82
C MET C 202 -23.73 29.65 -10.11
N ALA C 203 -22.70 30.46 -9.82
CA ALA C 203 -22.71 31.89 -10.15
C ALA C 203 -22.92 32.16 -11.63
N ALA C 204 -22.33 31.36 -12.49
CA ALA C 204 -22.56 31.52 -13.93
C ALA C 204 -24.06 31.41 -14.22
N GLY C 205 -24.74 30.52 -13.50
CA GLY C 205 -26.18 30.37 -13.65
C GLY C 205 -26.91 31.64 -13.22
N VAL C 206 -26.51 32.18 -12.08
CA VAL C 206 -27.07 33.41 -11.56
C VAL C 206 -26.99 34.54 -12.58
N LEU C 207 -25.81 34.77 -13.14
CA LEU C 207 -25.64 35.82 -14.16
C LEU C 207 -26.65 35.69 -15.29
N LYS C 208 -26.96 34.45 -15.67
CA LYS C 208 -27.89 34.15 -16.76
C LYS C 208 -29.33 34.41 -16.33
N ALA C 209 -29.64 34.12 -15.08
CA ALA C 209 -30.95 34.45 -14.53
C ALA C 209 -31.20 35.97 -14.47
N LEU C 210 -30.21 36.70 -14.00
CA LEU C 210 -30.30 38.14 -13.90
C LEU C 210 -30.45 38.76 -15.29
N SER C 211 -29.56 38.42 -16.20
CA SER C 211 -29.66 38.87 -17.60
C SER C 211 -31.04 38.60 -18.20
N GLY C 212 -31.54 37.39 -18.02
CA GLY C 212 -32.85 37.02 -18.54
C GLY C 212 -34.03 37.70 -17.87
N SER C 213 -33.83 38.29 -16.70
CA SER C 213 -34.86 39.06 -16.04
C SER C 213 -34.62 40.56 -16.22
N GLY C 214 -33.73 40.92 -17.15
CA GLY C 214 -33.49 42.31 -17.49
C GLY C 214 -32.73 43.13 -16.47
N ARG C 215 -32.09 42.47 -15.51
CA ARG C 215 -31.31 43.19 -14.49
C ARG C 215 -29.84 43.31 -14.88
N ARG C 216 -29.29 44.51 -14.74
CA ARG C 216 -27.89 44.77 -15.09
C ARG C 216 -26.95 44.33 -14.00
N VAL C 217 -25.83 43.75 -14.39
CA VAL C 217 -24.81 43.38 -13.44
C VAL C 217 -23.55 44.13 -13.78
N PRO C 218 -22.92 44.81 -12.82
CA PRO C 218 -23.36 44.90 -11.41
C PRO C 218 -24.38 46.00 -11.04
N GLU C 219 -24.87 46.77 -12.00
CA GLU C 219 -25.58 48.04 -11.65
C GLU C 219 -26.85 47.82 -10.84
N ASP C 220 -27.72 46.92 -11.29
CA ASP C 220 -28.93 46.54 -10.54
C ASP C 220 -28.67 45.45 -9.48
N CYS C 221 -27.72 44.55 -9.75
CA CYS C 221 -27.42 43.47 -8.81
C CYS C 221 -26.01 42.96 -9.01
N ALA C 222 -25.27 42.85 -7.91
CA ALA C 222 -23.89 42.41 -7.95
C ALA C 222 -23.84 40.92 -7.72
N VAL C 223 -22.78 40.27 -8.17
CA VAL C 223 -22.63 38.83 -7.99
C VAL C 223 -21.18 38.47 -7.64
N ILE C 224 -21.03 37.60 -6.64
CA ILE C 224 -19.71 37.04 -6.26
C ILE C 224 -19.78 35.51 -6.11
N GLY C 225 -18.81 34.81 -6.69
CA GLY C 225 -18.74 33.38 -6.56
C GLY C 225 -17.58 32.99 -5.68
N MET C 226 -17.19 31.72 -5.75
N MET C 226 -17.18 31.72 -5.79
CA MET C 226 -16.01 31.22 -5.05
CA MET C 226 -16.05 31.18 -5.05
C MET C 226 -15.43 30.14 -5.93
C MET C 226 -15.44 30.12 -5.93
N ASP C 227 -14.10 30.10 -6.01
CA ASP C 227 -13.29 29.08 -6.74
C ASP C 227 -12.20 29.74 -7.56
N GLY C 228 -12.57 30.72 -8.36
CA GLY C 228 -11.61 31.39 -9.23
C GLY C 228 -11.24 30.54 -10.43
N ILE C 229 -12.19 29.74 -10.91
CA ILE C 229 -12.00 29.00 -12.16
C ILE C 229 -11.81 29.91 -13.38
N PRO C 230 -10.97 29.52 -14.35
CA PRO C 230 -10.70 30.28 -15.58
C PRO C 230 -11.94 30.77 -16.33
N LEU C 231 -13.03 30.03 -16.24
CA LEU C 231 -14.31 30.42 -16.86
C LEU C 231 -14.80 31.81 -16.42
N GLY C 232 -14.48 32.20 -15.19
CA GLY C 232 -14.88 33.51 -14.68
C GLY C 232 -14.38 34.68 -15.51
N GLU C 233 -13.23 34.51 -16.15
CA GLU C 233 -12.68 35.54 -17.05
C GLU C 233 -13.35 35.57 -18.41
N LEU C 234 -14.07 34.52 -18.74
CA LEU C 234 -14.71 34.39 -20.05
C LEU C 234 -16.19 34.76 -19.99
N LEU C 235 -16.74 34.79 -18.79
CA LEU C 235 -18.11 35.21 -18.61
C LEU C 235 -18.20 36.71 -18.89
N SER C 236 -19.43 37.16 -19.12
CA SER C 236 -19.73 38.57 -19.42
C SER C 236 -21.01 38.89 -18.65
N PRO C 237 -20.94 39.65 -17.56
CA PRO C 237 -19.70 40.25 -17.03
C PRO C 237 -18.74 39.22 -16.47
N GLN C 238 -17.47 39.57 -16.44
CA GLN C 238 -16.45 38.74 -15.79
C GLN C 238 -16.79 38.68 -14.30
N LEU C 239 -16.55 37.51 -13.73
CA LEU C 239 -17.11 37.12 -12.44
C LEU C 239 -16.15 37.43 -11.30
N SER C 240 -16.57 38.31 -10.39
CA SER C 240 -15.87 38.57 -9.15
C SER C 240 -15.99 37.33 -8.29
N THR C 241 -14.93 36.96 -7.57
CA THR C 241 -14.96 35.69 -6.87
C THR C 241 -13.94 35.64 -5.75
N MET C 242 -14.26 34.87 -4.71
CA MET C 242 -13.27 34.45 -3.76
C MET C 242 -12.51 33.30 -4.42
N ALA C 243 -11.31 33.61 -4.91
CA ALA C 243 -10.50 32.67 -5.69
C ALA C 243 -9.50 31.90 -4.85
N LEU C 244 -9.31 30.64 -5.23
CA LEU C 244 -8.21 29.83 -4.72
C LEU C 244 -7.09 29.90 -5.72
N ASP C 245 -5.84 29.87 -5.24
CA ASP C 245 -4.71 29.72 -6.14
C ASP C 245 -4.43 28.24 -6.29
N LEU C 246 -4.76 27.67 -7.44
CA LEU C 246 -4.67 26.22 -7.63
C LEU C 246 -3.21 25.75 -7.72
N ARG C 247 -2.33 26.68 -8.07
CA ARG C 247 -0.90 26.39 -8.00
C ARG C 247 -0.49 26.15 -6.54
N GLU C 248 -0.95 27.02 -5.66
CA GLU C 248 -0.67 26.90 -4.23
C GLU C 248 -1.31 25.67 -3.60
N VAL C 249 -2.55 25.37 -4.00
CA VAL C 249 -3.31 24.21 -3.50
C VAL C 249 -2.61 22.94 -3.94
N GLY C 250 -2.25 22.87 -5.23
CA GLY C 250 -1.46 21.76 -5.73
C GLY C 250 -0.10 21.65 -5.07
N ARG C 251 0.56 22.78 -4.87
CA ARG C 251 1.88 22.77 -4.24
C ARG C 251 1.75 22.26 -2.79
N ALA C 252 0.74 22.70 -2.08
CA ALA C 252 0.50 22.26 -0.70
C ALA C 252 0.40 20.74 -0.63
N ALA C 253 -0.42 20.18 -1.50
CA ALA C 253 -0.72 18.74 -1.49
C ALA C 253 0.51 17.88 -1.76
N VAL C 254 1.23 18.24 -2.82
CA VAL C 254 2.43 17.54 -3.22
C VAL C 254 3.51 17.68 -2.15
N GLU C 255 3.74 18.89 -1.68
CA GLU C 255 4.75 19.12 -0.66
C GLU C 255 4.39 18.27 0.55
N LEU C 256 3.12 18.26 0.90
CA LEU C 256 2.66 17.43 2.02
C LEU C 256 2.91 15.94 1.77
N LEU C 257 2.66 15.50 0.54
CA LEU C 257 2.95 14.13 0.16
C LEU C 257 4.45 13.79 0.27
N VAL C 258 5.30 14.69 -0.23
CA VAL C 258 6.75 14.48 -0.17
C VAL C 258 7.18 14.26 1.28
N GLY C 259 6.67 15.10 2.16
CA GLY C 259 6.97 15.01 3.59
C GLY C 259 6.48 13.72 4.22
N LEU C 260 5.30 13.25 3.82
CA LEU C 260 4.78 12.01 4.35
C LEU C 260 5.57 10.84 3.82
N LEU C 261 5.89 10.87 2.53
CA LEU C 261 6.69 9.82 1.93
C LEU C 261 8.13 9.79 2.45
N SER C 262 8.73 10.95 2.66
CA SER C 262 10.10 11.02 3.17
C SER C 262 10.19 10.70 4.67
N GLY C 263 9.06 10.73 5.36
CA GLY C 263 9.00 10.47 6.81
C GLY C 263 9.22 11.71 7.64
N ALA C 264 9.39 12.84 6.98
CA ALA C 264 9.61 14.10 7.64
C ALA C 264 8.34 14.60 8.31
N VAL C 265 7.19 14.10 7.86
CA VAL C 265 5.93 14.49 8.45
C VAL C 265 5.22 13.24 8.93
N THR C 266 4.70 13.32 10.15
CA THR C 266 4.06 12.18 10.78
C THR C 266 2.62 12.14 10.32
N PRO C 267 2.17 10.99 9.78
CA PRO C 267 0.78 10.87 9.35
C PRO C 267 -0.14 11.23 10.49
N GLY C 268 -1.16 12.04 10.22
CA GLY C 268 -2.16 12.40 11.20
C GLY C 268 -1.71 13.44 12.21
N SER C 269 -0.48 13.93 12.09
CA SER C 269 -0.01 14.96 13.02
C SER C 269 -0.62 16.30 12.66
N GLN C 270 -0.61 17.23 13.60
CA GLN C 270 -1.09 18.59 13.32
C GLN C 270 -0.44 19.17 12.09
N SER C 271 0.85 18.87 11.92
CA SER C 271 1.66 19.33 10.81
C SER C 271 1.22 18.72 9.47
N SER C 272 0.38 17.69 9.52
CA SER C 272 -0.09 17.08 8.29
C SER C 272 -1.42 17.67 7.82
N ARG C 273 -1.97 18.62 8.59
CA ARG C 273 -3.16 19.37 8.20
C ARG C 273 -2.79 20.82 7.93
N THR C 274 -3.06 21.29 6.72
CA THR C 274 -2.70 22.62 6.27
C THR C 274 -3.97 23.37 5.96
N THR C 275 -4.00 24.66 6.27
CA THR C 275 -5.17 25.46 5.97
C THR C 275 -4.78 26.56 5.02
N LEU C 276 -5.52 26.66 3.91
CA LEU C 276 -5.26 27.65 2.87
C LEU C 276 -6.38 28.68 2.81
N LYS C 277 -6.14 29.80 2.13
CA LYS C 277 -7.12 30.90 2.09
C LYS C 277 -7.48 31.33 0.67
N HIS C 278 -8.71 31.79 0.52
CA HIS C 278 -9.16 32.40 -0.71
C HIS C 278 -8.69 33.83 -0.74
N ARG C 279 -8.63 34.39 -1.95
CA ARG C 279 -8.32 35.80 -2.16
C ARG C 279 -9.38 36.40 -3.05
N LEU C 280 -9.91 37.55 -2.65
CA LEU C 280 -10.92 38.23 -3.43
C LEU C 280 -10.31 38.74 -4.74
N VAL C 281 -10.90 38.35 -5.85
CA VAL C 281 -10.53 38.87 -7.14
C VAL C 281 -11.71 39.64 -7.65
N LEU C 282 -11.50 40.91 -7.99
CA LEU C 282 -12.58 41.77 -8.43
C LEU C 282 -12.54 41.91 -9.92
N ARG C 283 -13.65 41.59 -10.53
CA ARG C 283 -13.83 41.74 -11.96
C ARG C 283 -15.05 42.61 -12.21
N GLU C 284 -15.71 42.41 -13.33
CA GLU C 284 -16.91 43.16 -13.69
C GLU C 284 -18.18 42.97 -12.85
N SER C 285 -18.36 41.81 -12.25
CA SER C 285 -19.62 41.44 -11.60
C SER C 285 -19.94 42.24 -10.33
N THR C 286 -18.94 42.94 -9.83
CA THR C 286 -19.09 43.88 -8.74
C THR C 286 -18.58 45.27 -9.14
N GLU C 287 -18.98 46.28 -8.36
CA GLU C 287 -18.51 47.66 -8.52
C GLU C 287 -17.13 47.87 -7.89
N ARG D 15 -11.90 -6.93 -13.15
CA ARG D 15 -12.68 -6.59 -14.38
C ARG D 15 -11.94 -5.59 -15.27
N THR D 16 -12.44 -5.42 -16.48
CA THR D 16 -11.72 -4.72 -17.54
C THR D 16 -11.28 -3.31 -17.14
N SER D 17 -10.05 -2.96 -17.54
CA SER D 17 -9.45 -1.69 -17.19
C SER D 17 -9.02 -0.96 -18.45
N VAL D 18 -9.43 0.30 -18.59
CA VAL D 18 -9.14 1.06 -19.79
C VAL D 18 -8.40 2.35 -19.46
N GLY D 19 -7.33 2.61 -20.20
CA GLY D 19 -6.57 3.84 -20.07
C GLY D 19 -7.13 4.95 -20.97
N LEU D 20 -7.24 6.15 -20.42
CA LEU D 20 -7.66 7.32 -21.20
C LEU D 20 -6.52 8.34 -21.27
N ALA D 21 -5.95 8.54 -22.47
CA ALA D 21 -4.86 9.50 -22.66
C ALA D 21 -5.43 10.78 -23.20
N ILE D 22 -5.24 11.88 -22.48
CA ILE D 22 -5.62 13.21 -22.97
C ILE D 22 -4.48 14.21 -22.82
N PRO D 23 -4.36 15.12 -23.80
CA PRO D 23 -3.24 16.07 -23.85
C PRO D 23 -3.33 17.25 -22.90
N ASP D 24 -4.50 17.49 -22.30
CA ASP D 24 -4.64 18.47 -21.22
C ASP D 24 -6.03 18.38 -20.61
N LEU D 25 -6.18 19.05 -19.48
CA LEU D 25 -7.49 19.25 -18.86
C LEU D 25 -7.92 20.73 -18.88
N THR D 26 -7.18 21.56 -19.60
CA THR D 26 -7.35 23.01 -19.56
C THR D 26 -8.34 23.47 -20.64
N ASN D 27 -8.25 22.89 -21.84
CA ASN D 27 -9.27 23.06 -22.88
C ASN D 27 -10.50 22.29 -22.43
N PRO D 28 -11.62 22.99 -22.17
CA PRO D 28 -12.82 22.33 -21.59
C PRO D 28 -13.35 21.14 -22.39
N TYR D 29 -12.96 21.05 -23.64
CA TYR D 29 -13.31 19.92 -24.45
C TYR D 29 -12.94 18.58 -23.79
N PHE D 30 -11.72 18.47 -23.31
CA PHE D 30 -11.22 17.17 -22.84
C PHE D 30 -11.83 16.68 -21.54
N PRO D 31 -12.10 17.58 -20.56
CA PRO D 31 -12.84 17.07 -19.40
C PRO D 31 -14.21 16.52 -19.80
N ALA D 32 -14.89 17.19 -20.72
CA ALA D 32 -16.21 16.74 -21.16
C ALA D 32 -16.11 15.42 -21.94
N PHE D 33 -15.12 15.35 -22.80
CA PHE D 33 -14.84 14.15 -23.53
C PHE D 33 -14.51 12.99 -22.56
N ALA D 34 -13.58 13.24 -21.65
CA ALA D 34 -13.22 12.26 -20.65
C ALA D 34 -14.41 11.80 -19.81
N SER D 35 -15.24 12.77 -19.40
CA SER D 35 -16.42 12.49 -18.60
C SER D 35 -17.36 11.49 -19.29
N SER D 36 -17.57 11.71 -20.60
CA SER D 36 -18.50 10.89 -21.37
C SER D 36 -17.95 9.50 -21.57
N VAL D 37 -16.67 9.40 -21.89
CA VAL D 37 -16.03 8.10 -22.00
C VAL D 37 -16.09 7.35 -20.68
N VAL D 38 -15.78 8.02 -19.57
CA VAL D 38 -15.82 7.35 -18.29
C VAL D 38 -17.23 6.90 -17.94
N GLU D 39 -18.22 7.75 -18.17
CA GLU D 39 -19.61 7.43 -17.89
C GLU D 39 -19.99 6.10 -18.55
N LEU D 40 -19.71 6.01 -19.83
CA LEU D 40 -20.08 4.82 -20.62
C LEU D 40 -19.25 3.58 -20.30
N ALA D 41 -17.97 3.76 -20.02
CA ALA D 41 -17.15 2.63 -19.58
C ALA D 41 -17.63 2.12 -18.22
N THR D 42 -17.89 3.06 -17.31
CA THR D 42 -18.40 2.70 -16.00
C THR D 42 -19.69 1.89 -16.10
N LEU D 43 -20.57 2.25 -17.02
CA LEU D 43 -21.84 1.54 -17.12
C LEU D 43 -21.69 0.09 -17.59
N ARG D 44 -20.55 -0.28 -18.17
CA ARG D 44 -20.23 -1.68 -18.45
C ARG D 44 -19.49 -2.42 -17.33
N GLY D 45 -19.24 -1.74 -16.21
CA GLY D 45 -18.39 -2.29 -15.16
C GLY D 45 -16.90 -2.18 -15.41
N TRP D 46 -16.49 -1.41 -16.42
CA TRP D 46 -15.08 -1.22 -16.68
C TRP D 46 -14.51 -0.15 -15.74
N HIS D 47 -13.25 -0.30 -15.38
CA HIS D 47 -12.53 0.75 -14.66
C HIS D 47 -11.82 1.62 -15.68
N VAL D 48 -11.75 2.92 -15.39
CA VAL D 48 -10.95 3.87 -16.21
C VAL D 48 -9.91 4.62 -15.41
N VAL D 49 -8.71 4.72 -15.97
CA VAL D 49 -7.70 5.61 -15.43
C VAL D 49 -7.34 6.61 -16.51
N VAL D 50 -7.28 7.88 -16.13
CA VAL D 50 -6.95 8.96 -17.07
C VAL D 50 -5.56 9.46 -16.82
N ASP D 51 -4.81 9.57 -17.91
CA ASP D 51 -3.50 10.20 -17.88
C ASP D 51 -3.62 11.48 -18.68
N ASP D 52 -3.51 12.61 -17.99
CA ASP D 52 -3.39 13.92 -18.62
C ASP D 52 -1.92 14.23 -18.88
N TYR D 53 -1.50 14.17 -20.13
CA TYR D 53 -0.09 14.32 -20.41
C TYR D 53 0.42 15.72 -20.78
N GLY D 54 -0.43 16.73 -20.65
CA GLY D 54 0.01 18.06 -21.03
C GLY D 54 0.86 18.73 -19.97
N HIS D 55 1.88 18.01 -19.53
CA HIS D 55 2.80 18.50 -18.55
C HIS D 55 4.19 17.96 -18.79
N GLY D 56 5.19 18.76 -18.43
CA GLY D 56 6.60 18.35 -18.47
C GLY D 56 7.09 17.94 -19.84
N GLY D 57 6.44 18.44 -20.88
CA GLY D 57 6.75 18.01 -22.24
C GLY D 57 6.44 16.57 -22.58
N ARG D 58 5.63 15.90 -21.77
CA ARG D 58 5.23 14.52 -22.06
C ARG D 58 4.36 14.44 -23.33
N SER D 59 4.42 13.30 -24.00
CA SER D 59 3.76 13.06 -25.27
C SER D 59 2.68 11.98 -25.12
N GLY D 60 1.89 11.79 -26.16
CA GLY D 60 0.91 10.71 -26.22
C GLY D 60 1.56 9.35 -26.06
N LEU D 61 2.79 9.22 -26.54
CA LEU D 61 3.53 7.97 -26.43
C LEU D 61 3.85 7.67 -24.98
N ASP D 62 4.32 8.67 -24.25
CA ASP D 62 4.65 8.48 -22.84
C ASP D 62 3.43 8.08 -22.02
N ALA D 63 2.27 8.66 -22.35
CA ALA D 63 1.03 8.33 -21.65
C ALA D 63 0.66 6.86 -21.88
N VAL D 64 0.92 6.35 -23.07
CA VAL D 64 0.58 4.97 -23.37
C VAL D 64 1.57 4.03 -22.70
N GLU D 65 2.83 4.46 -22.62
CA GLU D 65 3.86 3.67 -21.94
C GLU D 65 3.54 3.59 -20.46
N HIS D 66 3.02 4.67 -19.92
CA HIS D 66 2.68 4.72 -18.51
C HIS D 66 1.48 3.81 -18.20
N LEU D 67 0.48 3.85 -19.06
CA LEU D 67 -0.76 3.14 -18.80
C LEU D 67 -0.70 1.65 -19.12
N ALA D 68 0.12 1.29 -20.10
CA ALA D 68 0.12 -0.07 -20.66
C ALA D 68 0.07 -1.19 -19.62
N PRO D 69 0.98 -1.17 -18.61
CA PRO D 69 0.99 -2.25 -17.58
C PRO D 69 -0.28 -2.40 -16.72
N GLN D 70 -1.15 -1.39 -16.67
CA GLN D 70 -2.31 -1.43 -15.77
C GLN D 70 -3.63 -1.61 -16.51
N VAL D 71 -3.58 -1.65 -17.84
CA VAL D 71 -4.81 -1.63 -18.63
C VAL D 71 -4.88 -2.71 -19.70
N ASP D 72 -6.11 -2.98 -20.13
CA ASP D 72 -6.42 -3.93 -21.18
C ASP D 72 -6.64 -3.23 -22.52
N ALA D 73 -6.82 -1.92 -22.51
CA ALA D 73 -7.01 -1.16 -23.73
C ALA D 73 -6.77 0.28 -23.46
N VAL D 74 -6.54 1.06 -24.52
CA VAL D 74 -6.43 2.50 -24.42
C VAL D 74 -7.31 3.21 -25.45
N ILE D 75 -8.01 4.23 -24.99
CA ILE D 75 -8.63 5.25 -25.87
C ILE D 75 -7.85 6.54 -25.68
N GLY D 76 -7.41 7.19 -26.75
CA GLY D 76 -6.67 8.42 -26.58
C GLY D 76 -6.58 9.40 -27.73
N TYR D 77 -6.34 10.64 -27.35
CA TYR D 77 -5.81 11.65 -28.27
C TYR D 77 -4.30 11.54 -28.11
N LEU D 78 -3.64 10.96 -29.11
CA LEU D 78 -2.20 10.63 -29.00
C LEU D 78 -1.23 11.58 -29.70
N GLY D 79 -1.73 12.58 -30.40
CA GLY D 79 -0.88 13.59 -31.01
C GLY D 79 0.06 13.05 -32.07
N GLY D 80 -0.40 12.02 -32.77
CA GLY D 80 0.35 11.43 -33.89
C GLY D 80 0.99 10.07 -33.64
N TYR D 81 0.98 9.62 -32.39
CA TYR D 81 1.74 8.41 -31.99
C TYR D 81 0.95 7.09 -32.06
N ALA D 82 0.00 6.98 -32.99
CA ALA D 82 -0.86 5.81 -33.08
C ALA D 82 -0.11 4.51 -33.35
N ASP D 83 0.77 4.50 -34.36
CA ASP D 83 1.50 3.28 -34.75
C ASP D 83 2.33 2.74 -33.60
N GLN D 84 3.12 3.63 -33.02
CA GLN D 84 4.04 3.24 -31.99
C GLN D 84 3.31 2.85 -30.72
N ALA D 85 2.29 3.62 -30.36
CA ALA D 85 1.48 3.31 -29.18
C ALA D 85 0.86 1.93 -29.30
N GLN D 86 0.33 1.63 -30.47
CA GLN D 86 -0.28 0.33 -30.69
C GLN D 86 0.75 -0.76 -30.54
N THR D 87 1.97 -0.45 -31.00
CA THR D 87 3.11 -1.34 -30.89
C THR D 87 3.37 -1.63 -29.41
N VAL D 88 3.52 -0.59 -28.61
CA VAL D 88 3.67 -0.77 -27.17
C VAL D 88 2.56 -1.67 -26.60
N LEU D 89 1.32 -1.45 -27.01
CA LEU D 89 0.18 -2.19 -26.45
C LEU D 89 0.04 -3.64 -26.93
N GLY D 90 0.76 -4.01 -28.00
CA GLY D 90 0.67 -5.36 -28.51
C GLY D 90 -0.73 -5.66 -29.03
N ARG D 91 -1.38 -6.66 -28.44
CA ARG D 91 -2.71 -7.08 -28.88
C ARG D 91 -3.81 -6.39 -28.09
N ARG D 92 -3.41 -5.52 -27.17
CA ARG D 92 -4.37 -4.67 -26.46
C ARG D 92 -4.80 -3.52 -27.39
N PRO D 93 -6.10 -3.42 -27.66
CA PRO D 93 -6.54 -2.44 -28.63
C PRO D 93 -6.31 -0.98 -28.22
N LEU D 94 -5.72 -0.22 -29.13
CA LEU D 94 -5.73 1.23 -29.10
C LEU D 94 -6.84 1.73 -30.00
N ILE D 95 -7.67 2.63 -29.47
CA ILE D 95 -8.59 3.42 -30.27
C ILE D 95 -8.12 4.86 -30.25
N VAL D 96 -7.64 5.35 -31.38
CA VAL D 96 -7.20 6.76 -31.45
C VAL D 96 -8.30 7.69 -31.96
N LEU D 97 -8.30 8.90 -31.44
CA LEU D 97 -9.25 9.89 -31.89
C LEU D 97 -8.61 10.94 -32.73
N ASP D 98 -9.30 11.29 -33.81
CA ASP D 98 -9.04 12.53 -34.53
C ASP D 98 -7.65 12.56 -35.12
N GLU D 99 -7.22 11.40 -35.59
CA GLU D 99 -6.01 11.30 -36.36
C GLU D 99 -6.05 10.08 -37.26
N ASN D 100 -5.07 10.05 -38.16
CA ASN D 100 -4.83 8.93 -39.04
C ASN D 100 -4.60 7.72 -38.16
N PRO D 101 -5.39 6.65 -38.34
CA PRO D 101 -5.27 5.50 -37.44
C PRO D 101 -3.95 4.74 -37.56
N GLY D 102 -3.44 4.61 -38.77
CA GLY D 102 -2.26 3.81 -39.01
C GLY D 102 -2.50 2.40 -38.55
N GLY D 103 -1.60 1.88 -37.72
CA GLY D 103 -1.68 0.50 -37.25
C GLY D 103 -2.55 0.34 -36.02
N ALA D 104 -3.16 1.44 -35.56
CA ALA D 104 -4.07 1.39 -34.43
C ALA D 104 -5.23 0.47 -34.73
N ALA D 105 -5.67 -0.27 -33.72
CA ALA D 105 -6.73 -1.24 -33.87
C ALA D 105 -8.08 -0.61 -34.22
N GLY D 106 -8.29 0.63 -33.75
CA GLY D 106 -9.53 1.35 -34.02
C GLY D 106 -9.35 2.84 -34.02
N SER D 107 -10.33 3.55 -34.55
CA SER D 107 -10.23 4.99 -34.59
C SER D 107 -11.56 5.65 -34.67
N ILE D 108 -11.64 6.88 -34.16
CA ILE D 108 -12.82 7.70 -34.30
C ILE D 108 -12.43 9.03 -34.90
N ASN D 109 -12.95 9.30 -36.09
CA ASN D 109 -12.66 10.54 -36.76
C ASN D 109 -13.95 11.28 -37.03
N PHE D 110 -13.80 12.52 -37.47
CA PHE D 110 -14.92 13.44 -37.65
C PHE D 110 -14.95 14.01 -39.07
N ASP D 111 -16.14 14.42 -39.49
CA ASP D 111 -16.38 14.81 -40.87
C ASP D 111 -16.26 16.32 -40.98
N TYR D 112 -15.04 16.81 -41.13
CA TYR D 112 -14.81 18.26 -41.08
C TYR D 112 -15.29 18.96 -42.35
N GLN D 113 -15.28 18.25 -43.47
CA GLN D 113 -15.82 18.81 -44.69
C GLN D 113 -17.29 19.13 -44.47
N HIS D 114 -18.01 18.19 -43.88
CA HIS D 114 -19.39 18.46 -43.51
C HIS D 114 -19.48 19.65 -42.57
N ALA D 115 -18.67 19.64 -41.51
CA ALA D 115 -18.70 20.73 -40.54
C ALA D 115 -18.36 22.07 -41.19
N ALA D 116 -17.37 22.07 -42.07
CA ALA D 116 -16.94 23.32 -42.71
C ALA D 116 -18.09 23.90 -43.51
N LYS D 117 -18.71 23.04 -44.32
CA LYS D 117 -19.83 23.44 -45.17
C LYS D 117 -20.98 24.01 -44.36
N VAL D 118 -21.33 23.34 -43.26
CA VAL D 118 -22.49 23.77 -42.48
C VAL D 118 -22.26 25.12 -41.82
N ALA D 119 -21.12 25.26 -41.17
CA ALA D 119 -20.81 26.50 -40.45
C ALA D 119 -20.71 27.69 -41.41
N VAL D 120 -20.08 27.46 -42.57
CA VAL D 120 -19.90 28.51 -43.56
C VAL D 120 -21.27 28.94 -44.09
N ALA D 121 -22.15 27.96 -44.31
CA ALA D 121 -23.49 28.24 -44.85
C ALA D 121 -24.23 29.20 -43.96
N GLN D 122 -24.04 29.03 -42.66
CA GLN D 122 -24.70 29.87 -41.67
C GLN D 122 -24.32 31.35 -41.81
N LEU D 123 -23.04 31.61 -42.05
CA LEU D 123 -22.59 32.99 -42.28
C LEU D 123 -23.04 33.51 -43.62
N MET D 124 -23.12 32.65 -44.62
CA MET D 124 -23.60 33.09 -45.94
C MET D 124 -25.07 33.42 -45.84
N ASP D 125 -25.83 32.60 -45.10
CA ASP D 125 -27.26 32.85 -44.85
C ASP D 125 -27.55 34.25 -44.32
N SER D 126 -26.72 34.74 -43.40
CA SER D 126 -26.86 36.11 -42.89
C SER D 126 -25.95 37.07 -43.66
N LYS D 127 -25.74 36.79 -44.94
CA LYS D 127 -25.03 37.67 -45.86
C LYS D 127 -23.80 38.36 -45.28
N ARG D 128 -22.96 37.61 -44.58
CA ARG D 128 -21.74 38.18 -44.02
C ARG D 128 -20.70 38.32 -45.13
N GLN D 129 -20.18 39.54 -45.27
CA GLN D 129 -19.37 39.90 -46.43
C GLN D 129 -17.87 39.86 -46.19
N HIS D 130 -17.44 39.96 -44.93
CA HIS D 130 -16.01 39.99 -44.59
C HIS D 130 -15.72 39.00 -43.47
N ILE D 131 -15.21 37.83 -43.84
CA ILE D 131 -15.17 36.69 -42.94
C ILE D 131 -13.75 36.42 -42.49
N ALA D 132 -13.58 36.01 -41.25
CA ALA D 132 -12.30 35.52 -40.78
C ALA D 132 -12.43 34.12 -40.19
N TYR D 133 -11.42 33.30 -40.41
CA TYR D 133 -11.31 32.00 -39.75
C TYR D 133 -10.15 32.06 -38.80
N LEU D 134 -10.42 31.81 -37.52
CA LEU D 134 -9.35 31.77 -36.49
C LEU D 134 -8.84 30.36 -36.30
N GLU D 135 -7.61 30.13 -36.73
CA GLU D 135 -7.01 28.82 -36.77
C GLU D 135 -6.14 28.68 -35.53
N ALA D 136 -6.01 27.45 -35.03
CA ALA D 136 -5.08 27.12 -33.94
C ALA D 136 -3.76 26.71 -34.56
N GLY D 137 -2.67 27.32 -34.13
CA GLY D 137 -1.38 27.04 -34.75
C GLY D 137 -0.15 27.29 -33.90
N SER D 138 0.97 26.80 -34.40
CA SER D 138 2.27 27.10 -33.84
C SER D 138 2.66 28.53 -34.19
N ALA D 139 3.61 29.07 -33.42
CA ALA D 139 4.15 30.39 -33.69
C ALA D 139 4.77 30.50 -35.09
N SER D 140 5.42 29.43 -35.59
CA SER D 140 6.04 29.43 -36.92
C SER D 140 5.03 29.71 -38.02
N GLU D 141 3.93 28.96 -37.96
CA GLU D 141 2.82 29.07 -38.91
C GLU D 141 1.88 30.26 -38.61
N SER D 142 2.04 30.91 -37.47
CA SER D 142 1.19 32.05 -37.13
C SER D 142 1.45 33.28 -37.99
N ASP D 143 2.59 33.31 -38.67
CA ASP D 143 3.01 34.46 -39.48
C ASP D 143 3.02 34.21 -41.00
N GLU D 144 3.11 32.96 -41.42
CA GLU D 144 2.90 32.62 -42.84
C GLU D 144 1.42 32.26 -43.04
N PRO D 145 0.70 33.03 -43.88
CA PRO D 145 -0.75 32.89 -43.91
C PRO D 145 -1.26 31.70 -44.75
N VAL D 146 -1.43 30.55 -44.12
CA VAL D 146 -2.02 29.36 -44.77
C VAL D 146 -2.46 28.33 -43.71
N PRO D 147 -3.67 27.71 -43.87
CA PRO D 147 -4.19 26.89 -42.77
C PRO D 147 -3.45 25.57 -42.60
N CYS D 148 -3.23 25.17 -41.35
CA CYS D 148 -2.34 24.07 -40.98
C CYS D 148 -3.09 22.83 -40.45
N THR D 149 -4.27 23.02 -39.86
CA THR D 149 -5.08 21.88 -39.37
C THR D 149 -6.01 21.29 -40.45
N VAL D 150 -6.51 20.09 -40.18
CA VAL D 150 -7.46 19.45 -41.08
C VAL D 150 -8.76 20.24 -41.19
N ARG D 151 -9.29 20.69 -40.04
CA ARG D 151 -10.53 21.48 -40.06
C ARG D 151 -10.31 22.84 -40.69
N GLY D 152 -9.11 23.35 -40.50
CA GLY D 152 -8.72 24.64 -41.05
C GLY D 152 -8.70 24.57 -42.56
N LYS D 153 -8.03 23.55 -43.10
CA LYS D 153 -7.99 23.35 -44.55
C LYS D 153 -9.39 23.15 -45.10
N ALA D 154 -10.26 22.47 -44.35
CA ALA D 154 -11.64 22.27 -44.80
C ALA D 154 -12.42 23.59 -44.89
N VAL D 155 -12.22 24.48 -43.93
CA VAL D 155 -12.94 25.75 -43.95
C VAL D 155 -12.44 26.60 -45.10
N ALA D 156 -11.13 26.73 -45.22
CA ALA D 156 -10.50 27.48 -46.31
C ALA D 156 -10.99 26.99 -47.65
N GLY D 157 -10.99 25.67 -47.79
CA GLY D 157 -11.49 25.01 -48.98
C GLY D 157 -12.88 25.46 -49.36
N ARG D 158 -13.76 25.57 -48.39
CA ARG D 158 -15.14 25.95 -48.67
C ARG D 158 -15.27 27.44 -48.96
N LEU D 159 -14.56 28.26 -48.19
CA LEU D 159 -14.54 29.69 -48.46
C LEU D 159 -13.99 30.03 -49.86
N ASP D 160 -12.89 29.41 -50.25
CA ASP D 160 -12.31 29.69 -51.57
C ASP D 160 -13.26 29.22 -52.68
N GLU D 161 -13.84 28.04 -52.53
CA GLU D 161 -14.84 27.52 -53.48
C GLU D 161 -15.98 28.48 -53.78
N LEU D 162 -16.49 29.11 -52.73
CA LEU D 162 -17.61 30.05 -52.84
C LEU D 162 -17.14 31.42 -53.31
N GLY D 163 -15.86 31.70 -53.09
CA GLY D 163 -15.28 32.95 -53.49
C GLY D 163 -15.51 34.05 -52.47
N ALA D 164 -15.75 33.69 -51.20
CA ALA D 164 -15.96 34.68 -50.15
C ALA D 164 -14.73 35.57 -49.92
N SER D 165 -14.98 36.79 -49.47
CA SER D 165 -13.89 37.66 -49.04
C SER D 165 -13.64 37.32 -47.60
N TRP D 166 -12.49 36.68 -47.34
CA TRP D 166 -12.16 36.14 -46.02
C TRP D 166 -10.67 36.16 -45.72
N SER D 167 -10.32 36.10 -44.43
CA SER D 167 -8.93 36.17 -43.97
C SER D 167 -8.60 35.06 -42.96
N LEU D 168 -7.36 34.59 -43.00
CA LEU D 168 -6.89 33.66 -41.99
C LEU D 168 -6.21 34.39 -40.83
N ILE D 169 -6.58 34.03 -39.61
CA ILE D 169 -5.88 34.48 -38.42
C ILE D 169 -5.40 33.22 -37.75
N VAL D 170 -4.21 33.27 -37.20
CA VAL D 170 -3.65 32.08 -36.56
C VAL D 170 -3.20 32.42 -35.16
N ALA D 171 -3.48 31.53 -34.21
CA ALA D 171 -3.19 31.79 -32.80
C ALA D 171 -2.95 30.53 -31.98
N GLU D 172 -2.24 30.70 -30.86
CA GLU D 172 -2.14 29.65 -29.86
C GLU D 172 -3.56 29.26 -29.45
N GLU D 173 -3.72 28.00 -29.06
CA GLU D 173 -5.04 27.45 -28.74
C GLU D 173 -5.39 27.70 -27.28
N THR D 174 -5.58 28.97 -26.93
CA THR D 174 -6.17 29.38 -25.66
C THR D 174 -7.12 30.51 -25.99
N ALA D 175 -7.99 30.82 -25.03
CA ALA D 175 -8.97 31.88 -25.16
C ALA D 175 -8.28 33.24 -25.12
N GLU D 176 -7.25 33.37 -24.30
CA GLU D 176 -6.56 34.66 -24.16
C GLU D 176 -5.80 35.03 -25.42
N ALA D 177 -5.10 34.06 -26.00
CA ALA D 177 -4.41 34.25 -27.28
C ALA D 177 -5.38 34.52 -28.43
N ALA D 178 -6.55 33.89 -28.37
CA ALA D 178 -7.57 34.14 -29.39
C ALA D 178 -8.09 35.58 -29.30
N ARG D 179 -8.21 36.07 -28.07
CA ARG D 179 -8.74 37.40 -27.81
C ARG D 179 -7.76 38.43 -28.31
N GLU D 180 -6.49 38.18 -28.01
CA GLU D 180 -5.44 39.07 -28.44
C GLU D 180 -5.36 39.07 -29.97
N ALA D 181 -5.42 37.90 -30.58
CA ALA D 181 -5.21 37.84 -32.03
C ALA D 181 -6.38 38.49 -32.74
N ALA D 182 -7.58 38.26 -32.22
CA ALA D 182 -8.79 38.87 -32.78
C ALA D 182 -8.83 40.38 -32.60
N ALA D 183 -8.44 40.85 -31.42
CA ALA D 183 -8.42 42.28 -31.15
C ALA D 183 -7.55 42.93 -32.20
N ALA D 184 -6.34 42.43 -32.35
CA ALA D 184 -5.39 42.98 -33.32
C ALA D 184 -5.93 42.97 -34.74
N PHE D 185 -6.57 41.88 -35.12
CA PHE D 185 -7.04 41.72 -36.49
C PHE D 185 -8.19 42.67 -36.79
N LEU D 186 -9.00 42.98 -35.78
CA LEU D 186 -10.14 43.87 -35.94
C LEU D 186 -9.71 45.32 -36.17
N ARG D 187 -8.55 45.69 -35.62
CA ARG D 187 -7.95 46.99 -35.89
C ARG D 187 -7.46 47.11 -37.33
N GLU D 188 -6.86 46.07 -37.89
CA GLU D 188 -6.46 46.14 -39.30
C GLU D 188 -7.62 45.84 -40.26
N HIS D 189 -8.71 45.27 -39.75
CA HIS D 189 -9.85 44.92 -40.60
C HIS D 189 -11.11 45.17 -39.80
N PRO D 190 -11.50 46.44 -39.70
CA PRO D 190 -12.64 46.80 -38.87
C PRO D 190 -13.98 46.37 -39.44
N GLU D 191 -14.02 46.06 -40.73
CA GLU D 191 -15.28 45.70 -41.41
C GLU D 191 -15.73 44.26 -41.12
N THR D 192 -14.82 43.44 -40.59
CA THR D 192 -15.08 42.01 -40.34
C THR D 192 -16.42 41.77 -39.66
N ASP D 193 -17.28 40.97 -40.28
CA ASP D 193 -18.64 40.76 -39.76
C ASP D 193 -19.02 39.28 -39.51
N GLY D 194 -18.06 38.37 -39.69
CA GLY D 194 -18.26 36.96 -39.40
C GLY D 194 -16.98 36.24 -39.00
N ILE D 195 -17.06 35.50 -37.91
CA ILE D 195 -15.89 34.75 -37.43
C ILE D 195 -16.20 33.31 -37.10
N LEU D 196 -15.42 32.44 -37.75
CA LEU D 196 -15.38 31.02 -37.46
C LEU D 196 -14.12 30.76 -36.67
N ALA D 197 -14.28 30.13 -35.51
CA ALA D 197 -13.13 29.76 -34.69
C ALA D 197 -12.85 28.27 -34.74
N PHE D 198 -11.57 27.95 -34.61
CA PHE D 198 -11.10 26.57 -34.56
C PHE D 198 -11.87 25.73 -33.52
N ASN D 199 -12.19 26.31 -32.37
CA ASN D 199 -13.04 25.62 -31.42
C ASN D 199 -13.71 26.61 -30.45
N ASP D 200 -14.56 26.09 -29.56
CA ASP D 200 -15.30 26.93 -28.63
C ASP D 200 -14.41 27.69 -27.66
N LEU D 201 -13.31 27.08 -27.24
CA LEU D 201 -12.37 27.76 -26.34
C LEU D 201 -11.84 29.01 -27.02
N MET D 202 -11.40 28.88 -28.27
CA MET D 202 -10.90 30.04 -28.97
C MET D 202 -12.05 31.03 -29.22
N ALA D 203 -13.24 30.52 -29.53
CA ALA D 203 -14.39 31.41 -29.78
C ALA D 203 -14.73 32.33 -28.61
N ALA D 204 -14.55 31.82 -27.39
CA ALA D 204 -14.82 32.60 -26.19
C ALA D 204 -13.93 33.84 -26.13
N GLY D 205 -12.66 33.65 -26.48
CA GLY D 205 -11.71 34.77 -26.63
C GLY D 205 -12.14 35.77 -27.67
N VAL D 206 -12.67 35.28 -28.79
CA VAL D 206 -13.15 36.15 -29.84
C VAL D 206 -14.29 37.07 -29.36
N LEU D 207 -15.31 36.48 -28.73
CA LEU D 207 -16.39 37.26 -28.11
C LEU D 207 -15.89 38.39 -27.22
N LYS D 208 -14.82 38.13 -26.45
CA LYS D 208 -14.29 39.16 -25.54
CA LYS D 208 -14.29 39.16 -25.54
C LYS D 208 -13.73 40.32 -26.34
N ALA D 209 -12.95 39.98 -27.37
CA ALA D 209 -12.38 40.97 -28.25
C ALA D 209 -13.47 41.83 -28.93
N LEU D 210 -14.56 41.20 -29.37
CA LEU D 210 -15.67 41.96 -29.97
C LEU D 210 -16.28 42.91 -28.94
N SER D 211 -16.66 42.36 -27.79
CA SER D 211 -17.17 43.13 -26.65
C SER D 211 -16.25 44.29 -26.29
N GLY D 212 -14.97 43.99 -26.11
CA GLY D 212 -13.96 44.99 -25.78
C GLY D 212 -13.76 46.09 -26.82
N SER D 213 -14.09 45.80 -28.08
CA SER D 213 -14.10 46.82 -29.12
C SER D 213 -15.47 47.47 -29.27
N GLY D 214 -16.40 47.17 -28.37
CA GLY D 214 -17.73 47.74 -28.44
C GLY D 214 -18.57 47.38 -29.67
N ARG D 215 -18.22 46.29 -30.36
CA ARG D 215 -19.07 45.75 -31.45
C ARG D 215 -20.12 44.86 -30.84
N ARG D 216 -21.32 44.88 -31.40
CA ARG D 216 -22.40 44.01 -30.93
C ARG D 216 -22.37 42.69 -31.66
N VAL D 217 -22.93 41.67 -31.01
CA VAL D 217 -22.96 40.32 -31.54
C VAL D 217 -24.39 39.83 -31.38
N PRO D 218 -25.05 39.41 -32.47
CA PRO D 218 -24.45 39.22 -33.81
C PRO D 218 -24.48 40.42 -34.76
N GLU D 219 -25.06 41.55 -34.36
CA GLU D 219 -25.46 42.61 -35.30
C GLU D 219 -24.30 43.06 -36.18
N ASP D 220 -23.20 43.43 -35.55
CA ASP D 220 -22.01 43.85 -36.26
C ASP D 220 -21.18 42.66 -36.70
N CYS D 221 -21.03 41.67 -35.81
CA CYS D 221 -20.24 40.47 -36.13
C CYS D 221 -20.83 39.24 -35.46
N ALA D 222 -21.02 38.19 -36.25
CA ALA D 222 -21.42 36.89 -35.74
C ALA D 222 -20.21 35.97 -35.51
N VAL D 223 -20.39 34.98 -34.64
CA VAL D 223 -19.34 34.04 -34.30
C VAL D 223 -19.90 32.65 -34.15
N ILE D 224 -19.22 31.69 -34.77
CA ILE D 224 -19.52 30.29 -34.66
C ILE D 224 -18.29 29.50 -34.18
N GLY D 225 -18.50 28.69 -33.16
CA GLY D 225 -17.48 27.81 -32.63
C GLY D 225 -17.48 26.39 -33.19
N MET D 226 -16.59 25.56 -32.67
CA MET D 226 -16.63 24.12 -32.84
C MET D 226 -16.37 23.42 -31.51
N ASP D 227 -17.20 22.42 -31.21
CA ASP D 227 -17.04 21.44 -30.12
C ASP D 227 -18.34 21.14 -29.38
N GLY D 228 -19.13 22.17 -29.17
CA GLY D 228 -20.27 22.11 -28.29
C GLY D 228 -20.02 21.85 -26.82
N ILE D 229 -18.99 22.48 -26.26
CA ILE D 229 -18.72 22.38 -24.83
C ILE D 229 -19.80 23.10 -24.01
N PRO D 230 -20.07 22.63 -22.81
CA PRO D 230 -21.13 23.22 -21.97
C PRO D 230 -20.98 24.72 -21.72
N LEU D 231 -19.73 25.18 -21.61
CA LEU D 231 -19.42 26.61 -21.45
C LEU D 231 -20.21 27.51 -22.43
N GLY D 232 -20.34 27.07 -23.68
CA GLY D 232 -21.11 27.81 -24.69
C GLY D 232 -22.48 28.34 -24.27
N GLU D 233 -23.18 27.60 -23.42
CA GLU D 233 -24.50 28.04 -22.94
C GLU D 233 -24.44 29.06 -21.81
N LEU D 234 -23.23 29.31 -21.30
CA LEU D 234 -23.02 30.23 -20.18
C LEU D 234 -22.43 31.56 -20.60
N LEU D 235 -21.95 31.65 -21.84
CA LEU D 235 -21.40 32.89 -22.35
C LEU D 235 -22.54 33.83 -22.67
N SER D 236 -22.21 35.11 -22.74
CA SER D 236 -23.13 36.12 -23.21
C SER D 236 -22.41 36.97 -24.25
N PRO D 237 -22.89 36.97 -25.49
CA PRO D 237 -23.99 36.10 -25.96
C PRO D 237 -23.64 34.63 -25.92
N GLN D 238 -24.65 33.78 -25.77
CA GLN D 238 -24.44 32.34 -25.88
C GLN D 238 -23.93 31.98 -27.29
N LEU D 239 -23.11 30.94 -27.35
CA LEU D 239 -22.27 30.65 -28.50
C LEU D 239 -22.86 29.61 -29.45
N SER D 240 -23.17 30.06 -30.66
CA SER D 240 -23.47 29.14 -31.76
C SER D 240 -22.22 28.32 -32.04
N THR D 241 -22.39 27.05 -32.37
CA THR D 241 -21.28 26.12 -32.52
C THR D 241 -21.65 24.88 -33.32
N MET D 242 -20.66 24.33 -34.03
CA MET D 242 -20.76 23.00 -34.61
C MET D 242 -20.43 22.03 -33.47
N ALA D 243 -21.49 21.52 -32.87
CA ALA D 243 -21.37 20.70 -31.68
C ALA D 243 -21.13 19.24 -32.03
N LEU D 244 -20.31 18.59 -31.22
CA LEU D 244 -20.30 17.14 -31.11
C LEU D 244 -21.21 16.72 -29.95
N ASP D 245 -21.91 15.61 -30.12
CA ASP D 245 -22.58 14.96 -29.01
C ASP D 245 -21.51 14.12 -28.31
N LEU D 246 -21.05 14.60 -27.17
CA LEU D 246 -19.92 13.97 -26.51
C LEU D 246 -20.28 12.60 -25.93
N ARG D 247 -21.54 12.43 -25.55
CA ARG D 247 -22.00 11.13 -25.10
C ARG D 247 -21.89 10.11 -26.22
N GLU D 248 -22.38 10.49 -27.40
CA GLU D 248 -22.22 9.65 -28.59
C GLU D 248 -20.76 9.35 -28.90
N VAL D 249 -19.87 10.32 -28.68
CA VAL D 249 -18.44 10.09 -28.90
C VAL D 249 -17.93 9.05 -27.91
N GLY D 250 -18.37 9.14 -26.66
CA GLY D 250 -18.01 8.13 -25.68
C GLY D 250 -18.63 6.79 -26.02
N ARG D 251 -19.92 6.82 -26.33
CA ARG D 251 -20.61 5.59 -26.72
C ARG D 251 -19.84 4.93 -27.86
N ALA D 252 -19.51 5.70 -28.88
CA ALA D 252 -18.78 5.19 -30.03
C ALA D 252 -17.46 4.51 -29.64
N ALA D 253 -16.74 5.14 -28.72
CA ALA D 253 -15.45 4.61 -28.29
C ALA D 253 -15.66 3.31 -27.54
N VAL D 254 -16.65 3.29 -26.67
CA VAL D 254 -16.88 2.11 -25.86
C VAL D 254 -17.39 0.94 -26.71
N GLU D 255 -18.41 1.17 -27.53
CA GLU D 255 -18.98 0.11 -28.38
C GLU D 255 -17.93 -0.52 -29.29
N LEU D 256 -17.07 0.33 -29.84
CA LEU D 256 -15.97 -0.14 -30.68
C LEU D 256 -14.96 -0.93 -29.87
N LEU D 257 -14.73 -0.48 -28.65
CA LEU D 257 -13.84 -1.22 -27.79
C LEU D 257 -14.45 -2.57 -27.50
N VAL D 258 -15.77 -2.62 -27.28
CA VAL D 258 -16.46 -3.88 -27.02
C VAL D 258 -16.29 -4.83 -28.19
N GLY D 259 -16.65 -4.38 -29.38
CA GLY D 259 -16.46 -5.18 -30.59
C GLY D 259 -15.03 -5.69 -30.74
N LEU D 260 -14.05 -4.85 -30.42
CA LEU D 260 -12.64 -5.18 -30.60
C LEU D 260 -12.14 -6.21 -29.60
N LEU D 261 -12.69 -6.20 -28.40
CA LEU D 261 -12.28 -7.14 -27.37
C LEU D 261 -12.98 -8.46 -27.63
N SER D 262 -14.27 -8.41 -27.95
CA SER D 262 -15.03 -9.61 -28.27
C SER D 262 -14.48 -10.33 -29.52
N GLY D 263 -13.77 -9.61 -30.39
CA GLY D 263 -13.30 -10.18 -31.65
C GLY D 263 -14.32 -10.03 -32.77
N ALA D 264 -15.51 -9.49 -32.46
CA ALA D 264 -16.52 -9.15 -33.46
C ALA D 264 -16.06 -8.09 -34.47
N VAL D 265 -15.06 -7.30 -34.11
CA VAL D 265 -14.50 -6.30 -35.01
C VAL D 265 -13.00 -6.53 -35.17
N THR D 266 -12.58 -6.62 -36.42
CA THR D 266 -11.20 -6.96 -36.77
C THR D 266 -10.30 -5.74 -36.63
N PRO D 267 -9.21 -5.86 -35.86
CA PRO D 267 -8.29 -4.74 -35.68
C PRO D 267 -7.80 -4.16 -37.00
N GLY D 268 -8.14 -2.90 -37.25
CA GLY D 268 -7.64 -2.19 -38.42
C GLY D 268 -8.49 -2.34 -39.67
N SER D 269 -9.64 -3.02 -39.57
CA SER D 269 -10.57 -3.16 -40.69
C SER D 269 -11.46 -1.92 -40.81
N GLN D 270 -12.13 -1.77 -41.95
CA GLN D 270 -13.05 -0.64 -42.17
C GLN D 270 -14.06 -0.53 -41.04
N SER D 271 -14.57 -1.67 -40.62
CA SER D 271 -15.55 -1.73 -39.54
C SER D 271 -15.00 -1.20 -38.21
N SER D 272 -13.68 -1.04 -38.10
CA SER D 272 -13.03 -0.51 -36.89
C SER D 272 -12.72 0.99 -36.96
N ARG D 273 -13.12 1.63 -38.05
CA ARG D 273 -12.86 3.05 -38.27
C ARG D 273 -14.19 3.74 -38.33
N THR D 274 -14.51 4.46 -37.27
CA THR D 274 -15.77 5.16 -37.14
C THR D 274 -15.59 6.63 -37.53
N THR D 275 -16.60 7.17 -38.21
CA THR D 275 -16.64 8.58 -38.51
C THR D 275 -17.88 9.13 -37.87
N LEU D 276 -17.76 10.31 -37.25
CA LEU D 276 -18.87 11.01 -36.64
C LEU D 276 -19.02 12.43 -37.18
N LYS D 277 -20.22 12.99 -36.99
CA LYS D 277 -20.60 14.29 -37.55
C LYS D 277 -20.94 15.31 -36.47
N HIS D 278 -20.63 16.57 -36.76
CA HIS D 278 -21.02 17.69 -35.91
C HIS D 278 -22.45 18.08 -36.23
N ARG D 279 -23.11 18.75 -35.28
CA ARG D 279 -24.43 19.34 -35.50
C ARG D 279 -24.44 20.82 -35.13
N LEU D 280 -25.02 21.61 -36.01
CA LEU D 280 -25.18 23.02 -35.80
C LEU D 280 -26.14 23.31 -34.64
N VAL D 281 -25.66 24.08 -33.69
CA VAL D 281 -26.48 24.55 -32.59
C VAL D 281 -26.41 26.06 -32.60
N LEU D 282 -27.55 26.68 -32.86
CA LEU D 282 -27.65 28.10 -32.96
C LEU D 282 -28.03 28.71 -31.63
N ARG D 283 -27.21 29.64 -31.19
CA ARG D 283 -27.45 30.39 -29.98
C ARG D 283 -27.45 31.87 -30.33
N GLU D 284 -27.22 32.70 -29.34
CA GLU D 284 -27.19 34.14 -29.51
C GLU D 284 -26.13 34.67 -30.45
N SER D 285 -24.99 34.02 -30.56
CA SER D 285 -23.86 34.63 -31.24
C SER D 285 -24.04 34.71 -32.75
N THR D 286 -25.09 34.07 -33.28
CA THR D 286 -25.46 34.22 -34.71
C THR D 286 -26.90 34.70 -34.97
N GLU D 287 -27.82 34.57 -34.00
CA GLU D 287 -29.24 34.87 -34.24
C GLU D 287 -29.55 35.20 -35.70
C1 GLC E . 8.14 -24.43 0.01
C2 GLC E . 9.61 -24.73 -0.25
C3 GLC E . 10.20 -25.60 0.84
C4 GLC E . 9.96 -24.95 2.19
C5 GLC E . 8.46 -24.76 2.37
C6 GLC E . 8.17 -24.11 3.72
O1 GLC E . 7.36 -25.61 -0.18
O2 GLC E . 9.78 -25.45 -1.48
O3 GLC E . 11.59 -25.81 0.60
O4 GLC E . 10.46 -25.81 3.20
O5 GLC E . 7.89 -23.95 1.34
O6 GLC E . 6.79 -23.70 3.77
C1 GAL E . 11.38 -25.20 4.08
C2 GAL E . 11.79 -26.18 5.17
C3 GAL E . 12.86 -25.57 6.08
C4 GAL E . 13.99 -24.99 5.25
C5 GAL E . 13.47 -24.07 4.16
C6 GAL E . 14.60 -23.60 3.28
O2 GAL E . 10.63 -26.51 5.95
O3 GAL E . 13.42 -26.52 6.98
O4 GAL E . 14.72 -26.07 4.66
O5 GAL E . 12.51 -24.74 3.34
O6 GAL E . 14.16 -22.48 2.52
C1 GLC F . 12.87 -12.52 33.51
C2 GLC F . 12.50 -13.78 34.27
C3 GLC F . 13.26 -14.97 33.73
C4 GLC F . 13.03 -15.09 32.23
C5 GLC F . 13.45 -13.78 31.54
C6 GLC F . 13.22 -13.78 30.03
O1 GLC F . 14.23 -12.22 33.80
O2 GLC F . 12.83 -13.70 35.65
O3 GLC F . 12.84 -16.14 34.42
O4 GLC F . 13.80 -16.22 31.78
O5 GLC F . 12.71 -12.68 32.09
O6 GLC F . 14.09 -12.83 29.39
C1 GAL F . 13.06 -17.08 30.91
C2 GAL F . 14.04 -18.03 30.24
C3 GAL F . 13.32 -19.11 29.42
C4 GAL F . 12.17 -19.71 30.21
C5 GAL F . 11.27 -18.62 30.80
C6 GAL F . 10.12 -19.16 31.63
O2 GAL F . 14.88 -17.24 29.42
O3 GAL F . 14.23 -20.18 29.07
O4 GAL F . 12.74 -20.51 31.26
O5 GAL F . 12.05 -17.78 31.65
O6 GAL F . 9.33 -18.07 32.11
C1 GLC G . -17.36 18.16 0.16
C2 GLC G . -16.77 19.50 0.57
C3 GLC G . -17.22 20.58 -0.40
C4 GLC G . -16.78 20.17 -1.79
C5 GLC G . -17.36 18.79 -2.13
C6 GLC G . -16.90 18.30 -3.50
O1 GLC G . -18.77 18.26 0.24
O2 GLC G . -17.25 19.83 1.89
O3 GLC G . -16.67 21.85 0.00
O4 GLC G . -17.28 21.15 -2.70
O5 GLC G . -16.98 17.80 -1.16
O6 GLC G . -17.56 17.09 -3.85
C1 GAL G . -16.32 21.61 -3.66
C2 GAL G . -17.01 22.36 -4.81
C3 GAL G . -15.99 22.98 -5.77
C4 GAL G . -14.92 23.70 -4.99
C5 GAL G . -14.35 22.85 -3.88
C6 GAL G . -13.30 23.57 -3.06
O2 GAL G . -17.87 21.43 -5.50
O3 GAL G . -16.60 23.92 -6.67
O4 GAL G . -15.54 24.87 -4.42
O5 GAL G . -15.38 22.44 -3.00
O6 GAL G . -12.58 22.60 -2.30
C1 GLC H . -4.85 16.37 -32.93
C2 GLC H . -6.11 16.67 -33.73
C3 GLC H . -6.73 17.99 -33.31
C4 GLC H . -6.95 17.96 -31.80
C5 GLC H . -5.60 17.77 -31.12
C6 GLC H . -5.68 17.81 -29.59
O1 GLC H . -3.81 17.25 -33.36
O2 GLC H . -5.84 16.76 -35.13
O3 GLC H . -7.95 18.18 -34.02
O4 GLC H . -7.59 19.18 -31.42
O5 GLC H . -5.03 16.52 -31.50
O6 GLC H . -4.37 17.98 -29.04
C1 GAL H . -8.71 18.96 -30.58
C2 GAL H . -9.13 20.29 -29.99
C3 GAL H . -10.47 20.19 -29.24
C4 GAL H . -11.48 19.39 -30.05
C5 GAL H . -10.90 18.11 -30.62
C6 GAL H . -11.89 17.39 -31.54
O2 GAL H . -8.06 20.70 -29.13
O3 GAL H . -11.03 21.48 -29.00
O4 GAL H . -11.95 20.20 -31.13
O5 GAL H . -9.74 18.40 -31.38
O6 GAL H . -11.44 16.04 -31.79
#